data_5HD0
#
_entry.id   5HD0
#
_cell.length_a   86.380
_cell.length_b   89.680
_cell.length_c   131.440
_cell.angle_alpha   90.000
_cell.angle_beta   90.000
_cell.angle_gamma   90.000
#
_symmetry.space_group_name_H-M   'P 21 21 21'
#
loop_
_entity.id
_entity.type
_entity.pdbx_description
1 polymer 'Beta-secretase 1'
2 non-polymer 'L(+)-TARTARIC ACID'
3 non-polymer 3-{5-[(2E,4aR,7aR)-6-(5-fluoropyrimidin-2-yl)-2-imino-3-methyl-4-oxooctahydro-7aH-pyrrolo[3,4-d]pyrimidin-7a-yl]thiophen-3-yl}benzonitrile
4 water water
#
_entity_poly.entity_id   1
_entity_poly.type   'polypeptide(L)'
_entity_poly.pdbx_seq_one_letter_code
;LRLPRETDEEPEEPGRRGSFVEMVDNLRGKSGQGYYVEMTVGSPPQTLNILVDTGSSNFAVGAAPHPFLHRYYQRQLSST
YRDLRKGVYVPYTQGKWEGELGTDLVSIPHGPNVTVRANIAAITESDKFFINGSNWEGILGLAYAEIARPDDSLEPFFDS
LVKQTHVPNLFSLQLCGAGFPLNQSEVLASVGGSMIIGGIDHSLYTGSLWYTPIRREWYYEVIIVRVEINGQDLKMDCKE
YNYDKSIVDSGTTNLRLPKKVFEAAVKSIKAASSTEKFPDGFWLGEQLVCWQAGTTPWNIFPVISLYLMGEVTNQSFRIT
ILPQQYLRPVEDVATSQDDCYKFAISQSSTGTVMGAVIMEGFYVVFDRARKRIGFAVSACHVHDEFRTAAVEGPFVTLDM
EDCGYNIPQTDEST
;
_entity_poly.pdbx_strand_id   A,B
#
loop_
_chem_comp.id
_chem_comp.type
_chem_comp.name
_chem_comp.formula
60Y non-polymer 3-{5-[(2E,4aR,7aR)-6-(5-fluoropyrimidin-2-yl)-2-imino-3-methyl-4-oxooctahydro-7aH-pyrrolo[3,4-d]pyrimidin-7a-yl]thiophen-3-yl}benzonitrile 'C22 H18 F N7 O S'
TLA non-polymer 'L(+)-TARTARIC ACID' 'C4 H6 O6'
#
# COMPACT_ATOMS: atom_id res chain seq x y z
N GLY A 18 -20.70 28.89 21.79
CA GLY A 18 -20.47 29.97 22.74
C GLY A 18 -19.64 29.62 23.97
N SER A 19 -20.31 29.56 25.15
CA SER A 19 -19.72 29.32 26.47
C SER A 19 -20.63 28.35 27.25
N PHE A 20 -20.06 27.20 27.66
CA PHE A 20 -20.75 26.12 28.37
C PHE A 20 -19.94 25.78 29.59
N VAL A 21 -19.89 26.75 30.52
CA VAL A 21 -19.07 26.70 31.72
C VAL A 21 -19.37 25.46 32.59
N GLU A 22 -20.62 24.98 32.66
CA GLU A 22 -20.96 23.80 33.48
C GLU A 22 -20.34 22.50 32.93
N MET A 23 -20.03 22.49 31.63
CA MET A 23 -19.44 21.33 30.98
C MET A 23 -17.93 21.42 30.77
N VAL A 24 -17.35 22.61 30.85
CA VAL A 24 -15.90 22.71 30.68
C VAL A 24 -15.21 22.00 31.86
N ASP A 25 -14.15 21.22 31.56
CA ASP A 25 -13.33 20.51 32.53
C ASP A 25 -14.09 19.37 33.23
N ASN A 26 -15.02 18.72 32.50
CA ASN A 26 -15.81 17.63 33.08
C ASN A 26 -15.21 16.24 32.80
N LEU A 27 -14.04 16.17 32.11
CA LEU A 27 -13.42 14.87 31.88
C LEU A 27 -12.20 14.62 32.77
N ARG A 28 -11.89 13.36 33.00
CA ARG A 28 -10.69 12.94 33.71
C ARG A 28 -10.10 11.75 32.95
N GLY A 29 -8.83 11.44 33.22
CA GLY A 29 -8.19 10.32 32.57
C GLY A 29 -6.96 10.73 31.79
N LYS A 30 -6.48 9.80 30.95
CA LYS A 30 -5.28 10.01 30.13
C LYS A 30 -5.36 9.07 28.94
N SER A 31 -4.56 9.28 27.88
CA SER A 31 -4.72 8.48 26.65
C SER A 31 -4.59 6.96 26.82
N GLY A 32 -3.66 6.51 27.67
CA GLY A 32 -3.45 5.08 27.92
C GLY A 32 -4.59 4.37 28.63
N GLN A 33 -5.39 5.11 29.44
CA GLN A 33 -6.47 4.53 30.23
C GLN A 33 -7.85 5.00 29.75
N GLY A 34 -7.85 5.93 28.81
CA GLY A 34 -9.08 6.52 28.28
C GLY A 34 -9.53 7.71 29.12
N TYR A 35 -10.50 8.47 28.59
CA TYR A 35 -11.03 9.67 29.27
C TYR A 35 -12.47 9.36 29.64
N TYR A 36 -12.87 9.81 30.83
CA TYR A 36 -14.21 9.46 31.29
C TYR A 36 -14.96 10.67 31.84
N VAL A 37 -16.30 10.54 31.85
CA VAL A 37 -17.21 11.56 32.33
C VAL A 37 -18.08 10.94 33.44
N GLU A 38 -18.51 11.76 34.40
CA GLU A 38 -19.39 11.25 35.44
C GLU A 38 -20.80 11.23 34.88
N MET A 39 -21.53 10.13 35.16
CA MET A 39 -22.95 10.02 34.79
C MET A 39 -23.71 9.44 35.97
N THR A 40 -25.05 9.56 35.93
CA THR A 40 -25.85 8.89 36.97
C THR A 40 -26.85 8.00 36.25
N VAL A 41 -27.16 6.86 36.84
CA VAL A 41 -28.16 5.95 36.24
C VAL A 41 -29.15 5.58 37.37
N GLY A 42 -30.42 5.43 37.02
CA GLY A 42 -31.41 4.97 38.01
C GLY A 42 -32.01 6.01 38.92
N SER A 43 -33.02 5.56 39.74
CA SER A 43 -33.73 6.39 40.70
C SER A 43 -33.79 5.63 42.03
N PRO A 44 -33.15 6.14 43.10
CA PRO A 44 -32.36 7.38 43.19
C PRO A 44 -31.09 7.26 42.32
N PRO A 45 -30.47 8.39 41.94
CA PRO A 45 -29.30 8.29 41.02
C PRO A 45 -28.09 7.56 41.58
N GLN A 46 -27.52 6.64 40.75
CA GLN A 46 -26.31 5.88 41.07
C GLN A 46 -25.20 6.49 40.21
N THR A 47 -24.19 7.05 40.86
CA THR A 47 -23.07 7.71 40.19
C THR A 47 -22.07 6.69 39.67
N LEU A 48 -21.66 6.86 38.40
CA LEU A 48 -20.64 6.00 37.78
C LEU A 48 -19.77 6.87 36.89
N ASN A 49 -18.51 6.46 36.72
CA ASN A 49 -17.59 7.13 35.79
C ASN A 49 -17.60 6.33 34.50
N ILE A 50 -17.77 7.03 33.38
CA ILE A 50 -17.99 6.36 32.10
C ILE A 50 -17.01 6.79 31.03
N LEU A 51 -16.31 5.80 30.42
CA LEU A 51 -15.36 6.01 29.33
C LEU A 51 -16.06 6.62 28.10
N VAL A 52 -15.51 7.73 27.56
CA VAL A 52 -16.12 8.41 26.40
C VAL A 52 -15.52 7.78 25.14
N ASP A 53 -16.39 7.08 24.35
CA ASP A 53 -15.92 6.35 23.19
C ASP A 53 -16.63 6.72 21.89
N THR A 54 -15.97 7.48 21.04
CA THR A 54 -16.56 7.81 19.75
C THR A 54 -16.42 6.65 18.74
N GLY A 55 -15.78 5.55 19.15
CA GLY A 55 -15.54 4.38 18.30
C GLY A 55 -16.52 3.22 18.51
N SER A 56 -17.59 3.45 19.30
CA SER A 56 -18.61 2.41 19.50
C SER A 56 -19.94 3.11 19.79
N SER A 57 -21.03 2.34 19.95
CA SER A 57 -22.36 2.96 20.05
C SER A 57 -23.27 2.41 21.14
N ASN A 58 -22.73 1.62 22.06
CA ASN A 58 -23.49 1.08 23.21
C ASN A 58 -23.15 1.81 24.49
N PHE A 59 -24.17 2.04 25.32
CA PHE A 59 -23.99 2.54 26.68
C PHE A 59 -24.04 1.28 27.54
N ALA A 60 -22.90 0.92 28.15
CA ALA A 60 -22.81 -0.31 28.92
C ALA A 60 -22.09 -0.06 30.20
N VAL A 61 -22.61 -0.62 31.31
CA VAL A 61 -22.04 -0.38 32.63
C VAL A 61 -21.84 -1.69 33.39
N GLY A 62 -20.82 -1.73 34.26
CA GLY A 62 -20.64 -2.87 35.17
C GLY A 62 -21.90 -2.95 36.04
N ALA A 63 -22.48 -4.14 36.12
CA ALA A 63 -23.74 -4.33 36.87
C ALA A 63 -23.69 -5.54 37.77
N ALA A 64 -22.46 -5.96 38.10
CA ALA A 64 -22.16 -7.13 38.95
C ALA A 64 -20.77 -6.93 39.55
N PRO A 65 -20.48 -7.50 40.74
CA PRO A 65 -19.14 -7.30 41.33
C PRO A 65 -18.03 -7.81 40.42
N HIS A 66 -16.92 -7.09 40.44
CA HIS A 66 -15.72 -7.40 39.67
C HIS A 66 -14.53 -6.95 40.51
N PRO A 67 -13.40 -7.70 40.53
CA PRO A 67 -12.23 -7.26 41.35
C PRO A 67 -11.70 -5.86 41.05
N PHE A 68 -11.91 -5.35 39.81
CA PHE A 68 -11.41 -4.02 39.42
C PHE A 68 -12.46 -2.90 39.55
N LEU A 69 -13.67 -3.23 40.04
CA LEU A 69 -14.72 -2.23 40.28
C LEU A 69 -14.95 -2.03 41.78
N HIS A 70 -15.15 -0.78 42.21
CA HIS A 70 -15.52 -0.48 43.60
C HIS A 70 -16.98 -0.02 43.66
N ARG A 71 -17.62 0.08 42.48
CA ARG A 71 -19.05 0.39 42.36
C ARG A 71 -19.59 -0.12 41.05
N TYR A 72 -20.89 -0.40 41.02
CA TYR A 72 -21.56 -0.92 39.85
C TYR A 72 -23.02 -0.58 39.91
N TYR A 73 -23.69 -0.76 38.77
CA TYR A 73 -25.11 -0.45 38.63
C TYR A 73 -25.90 -1.57 39.28
N GLN A 74 -26.74 -1.20 40.24
CA GLN A 74 -27.60 -2.15 41.00
C GLN A 74 -29.05 -1.93 40.57
N ARG A 75 -29.48 -2.68 39.56
CA ARG A 75 -30.80 -2.54 38.93
C ARG A 75 -31.93 -2.71 39.93
N GLN A 76 -31.76 -3.62 40.90
CA GLN A 76 -32.78 -3.88 41.94
C GLN A 76 -32.99 -2.68 42.87
N LEU A 77 -32.05 -1.70 42.88
CA LEU A 77 -32.19 -0.50 43.69
C LEU A 77 -32.75 0.69 42.92
N SER A 78 -33.06 0.50 41.63
CA SER A 78 -33.61 1.57 40.82
C SER A 78 -35.09 1.36 40.56
N SER A 79 -35.92 2.31 40.98
CA SER A 79 -37.36 2.21 40.79
C SER A 79 -37.78 2.40 39.33
N THR A 80 -36.91 3.02 38.54
CA THR A 80 -37.18 3.33 37.13
C THR A 80 -36.56 2.33 36.15
N TYR A 81 -35.89 1.32 36.68
CA TYR A 81 -35.31 0.26 35.86
C TYR A 81 -36.40 -0.49 35.09
N ARG A 82 -36.15 -0.77 33.79
CA ARG A 82 -37.07 -1.57 32.95
C ARG A 82 -36.28 -2.63 32.26
N ASP A 83 -36.66 -3.89 32.46
CA ASP A 83 -35.98 -5.02 31.84
C ASP A 83 -36.42 -5.22 30.40
N LEU A 84 -35.47 -5.29 29.44
CA LEU A 84 -35.79 -5.53 28.05
C LEU A 84 -35.84 -7.03 27.73
N ARG A 85 -35.48 -7.88 28.70
CA ARG A 85 -35.48 -9.37 28.60
C ARG A 85 -34.66 -9.86 27.38
N LYS A 86 -33.48 -9.27 27.19
CA LYS A 86 -32.67 -9.57 26.02
C LYS A 86 -31.21 -9.45 26.39
N GLY A 87 -30.43 -10.41 25.96
CA GLY A 87 -29.01 -10.42 26.21
C GLY A 87 -28.24 -9.71 25.12
N VAL A 88 -26.99 -9.36 25.41
CA VAL A 88 -26.11 -8.70 24.44
C VAL A 88 -24.69 -9.21 24.67
N TYR A 89 -24.02 -9.64 23.59
CA TYR A 89 -22.66 -10.20 23.63
C TYR A 89 -21.82 -9.32 22.73
N VAL A 90 -20.75 -8.74 23.31
CA VAL A 90 -19.91 -7.85 22.54
C VAL A 90 -18.47 -8.28 22.59
N PRO A 91 -18.09 -9.23 21.70
CA PRO A 91 -16.67 -9.59 21.61
C PRO A 91 -15.94 -8.59 20.69
N TYR A 92 -14.70 -8.23 21.03
CA TYR A 92 -13.89 -7.35 20.18
C TYR A 92 -12.44 -7.84 20.22
N THR A 93 -11.50 -7.17 19.53
CA THR A 93 -10.13 -7.67 19.46
C THR A 93 -9.45 -7.82 20.85
N GLN A 94 -9.36 -6.76 21.66
CA GLN A 94 -8.63 -6.85 22.93
C GLN A 94 -9.44 -7.43 24.11
N GLY A 95 -10.72 -7.78 23.90
CA GLY A 95 -11.54 -8.26 24.99
C GLY A 95 -12.99 -8.45 24.65
N LYS A 96 -13.85 -8.49 25.70
CA LYS A 96 -15.28 -8.73 25.49
C LYS A 96 -16.07 -8.45 26.74
N TRP A 97 -17.36 -8.20 26.53
CA TRP A 97 -18.32 -8.02 27.61
C TRP A 97 -19.64 -8.61 27.19
N GLU A 98 -20.40 -9.09 28.16
CA GLU A 98 -21.71 -9.69 27.94
C GLU A 98 -22.60 -9.07 28.98
N GLY A 99 -23.87 -8.91 28.63
CA GLY A 99 -24.79 -8.33 29.59
C GLY A 99 -26.25 -8.49 29.25
N GLU A 100 -27.07 -7.77 30.01
CA GLU A 100 -28.51 -7.84 29.91
C GLU A 100 -29.02 -6.46 29.59
N LEU A 101 -29.86 -6.35 28.57
CA LEU A 101 -30.40 -5.08 28.14
C LEU A 101 -31.56 -4.62 28.99
N GLY A 102 -31.61 -3.32 29.23
CA GLY A 102 -32.69 -2.68 29.96
C GLY A 102 -32.70 -1.20 29.68
N THR A 103 -33.64 -0.46 30.27
CA THR A 103 -33.62 1.01 30.13
C THR A 103 -33.69 1.61 31.54
N ASP A 104 -33.24 2.84 31.67
CA ASP A 104 -33.34 3.58 32.94
C ASP A 104 -33.15 5.04 32.68
N LEU A 105 -33.38 5.89 33.70
CA LEU A 105 -33.17 7.32 33.59
C LEU A 105 -31.69 7.63 33.82
N VAL A 106 -31.13 8.43 32.92
CA VAL A 106 -29.68 8.75 32.91
C VAL A 106 -29.47 10.25 32.85
N SER A 107 -28.47 10.75 33.61
CA SER A 107 -28.11 12.16 33.62
C SER A 107 -26.60 12.29 33.58
N ILE A 108 -26.13 13.50 33.22
CA ILE A 108 -24.71 13.82 33.21
C ILE A 108 -24.60 15.02 34.14
N PRO A 109 -24.15 14.82 35.41
CA PRO A 109 -24.09 15.94 36.38
C PRO A 109 -23.40 17.20 35.87
N HIS A 110 -22.24 17.06 35.16
CA HIS A 110 -21.58 18.23 34.61
C HIS A 110 -21.88 18.23 33.11
N GLY A 111 -23.15 18.41 32.81
CA GLY A 111 -23.65 18.25 31.46
C GLY A 111 -24.84 19.12 31.20
N PRO A 112 -25.70 18.74 30.23
CA PRO A 112 -26.91 19.53 30.01
C PRO A 112 -27.85 19.22 31.19
N ASN A 113 -28.66 20.16 31.58
CA ASN A 113 -29.49 19.90 32.74
C ASN A 113 -30.78 19.17 32.31
N VAL A 114 -30.60 17.90 31.89
CA VAL A 114 -31.68 17.04 31.39
C VAL A 114 -31.52 15.61 31.89
N THR A 115 -32.64 14.87 31.94
CA THR A 115 -32.61 13.45 32.34
C THR A 115 -33.31 12.74 31.21
N VAL A 116 -32.72 11.64 30.73
CA VAL A 116 -33.31 10.91 29.61
C VAL A 116 -33.48 9.46 29.91
N ARG A 117 -34.44 8.82 29.23
CA ARG A 117 -34.63 7.39 29.37
C ARG A 117 -33.79 6.76 28.24
N ALA A 118 -32.75 6.00 28.62
CA ALA A 118 -31.82 5.42 27.65
C ALA A 118 -31.63 3.94 27.82
N ASN A 119 -31.22 3.27 26.73
CA ASN A 119 -30.83 1.87 26.79
C ASN A 119 -29.56 1.73 27.61
N ILE A 120 -29.46 0.68 28.41
CA ILE A 120 -28.29 0.39 29.21
C ILE A 120 -28.02 -1.10 29.13
N ALA A 121 -26.79 -1.46 28.73
CA ALA A 121 -26.38 -2.85 28.78
C ALA A 121 -25.74 -3.07 30.14
N ALA A 122 -26.40 -3.88 30.99
CA ALA A 122 -25.89 -4.17 32.33
C ALA A 122 -24.87 -5.30 32.20
N ILE A 123 -23.59 -4.99 32.31
CA ILE A 123 -22.54 -5.99 32.14
C ILE A 123 -22.49 -6.96 33.32
N THR A 124 -22.67 -8.24 33.02
CA THR A 124 -22.63 -9.32 34.02
C THR A 124 -21.38 -10.21 33.93
N GLU A 125 -20.76 -10.25 32.74
CA GLU A 125 -19.53 -11.03 32.52
C GLU A 125 -18.66 -10.24 31.57
N SER A 126 -17.36 -10.21 31.85
CA SER A 126 -16.40 -9.49 31.01
C SER A 126 -15.03 -10.14 31.00
N ASP A 127 -14.25 -9.90 29.92
CA ASP A 127 -12.90 -10.43 29.74
C ASP A 127 -12.00 -9.31 29.20
N LYS A 128 -11.04 -8.86 30.04
CA LYS A 128 -10.07 -7.82 29.73
C LYS A 128 -10.74 -6.48 29.35
N PHE A 129 -11.93 -6.20 29.90
CA PHE A 129 -12.65 -4.95 29.63
C PHE A 129 -12.31 -3.96 30.75
N PHE A 130 -12.68 -4.25 32.01
CA PHE A 130 -12.33 -3.40 33.14
C PHE A 130 -10.82 -3.48 33.41
N ILE A 131 -10.22 -2.35 33.75
CA ILE A 131 -8.77 -2.26 33.97
C ILE A 131 -8.47 -1.89 35.41
N ASN A 132 -7.53 -2.61 36.03
CA ASN A 132 -7.10 -2.39 37.40
C ASN A 132 -6.38 -1.04 37.48
N GLY A 133 -6.91 -0.14 38.30
CA GLY A 133 -6.29 1.18 38.46
C GLY A 133 -7.04 2.27 37.74
N SER A 134 -7.85 1.83 36.76
CA SER A 134 -8.73 2.71 36.04
C SER A 134 -9.88 3.00 37.01
N ASN A 135 -10.39 4.19 36.88
CA ASN A 135 -11.42 4.73 37.72
C ASN A 135 -12.78 4.78 36.99
N TRP A 136 -12.95 4.06 35.87
CA TRP A 136 -14.23 4.06 35.13
C TRP A 136 -14.94 2.73 35.28
N GLU A 137 -16.27 2.76 35.24
CA GLU A 137 -17.12 1.58 35.46
C GLU A 137 -18.01 1.20 34.28
N GLY A 138 -17.91 1.95 33.18
CA GLY A 138 -18.75 1.68 32.02
C GLY A 138 -18.24 2.45 30.84
N ILE A 139 -18.92 2.31 29.70
CA ILE A 139 -18.51 2.94 28.44
C ILE A 139 -19.68 3.62 27.79
N LEU A 140 -19.44 4.79 27.21
CA LEU A 140 -20.45 5.57 26.52
C LEU A 140 -20.08 5.61 25.02
N GLY A 141 -20.74 4.76 24.23
CA GLY A 141 -20.54 4.73 22.80
C GLY A 141 -21.28 5.86 22.15
N LEU A 142 -20.54 6.78 21.54
CA LEU A 142 -21.10 8.00 20.95
C LEU A 142 -21.28 7.95 19.44
N ALA A 143 -20.93 6.82 18.81
CA ALA A 143 -21.08 6.69 17.35
C ALA A 143 -22.55 6.33 16.99
N TYR A 144 -22.80 5.94 15.74
CA TYR A 144 -24.16 5.76 15.25
C TYR A 144 -24.73 4.36 15.47
N ALA A 145 -26.07 4.27 15.38
CA ALA A 145 -26.84 3.04 15.56
C ALA A 145 -26.37 1.89 14.69
N GLU A 146 -25.85 2.18 13.47
CA GLU A 146 -25.38 1.12 12.57
C GLU A 146 -24.46 0.10 13.24
N ILE A 147 -23.56 0.55 14.16
CA ILE A 147 -22.60 -0.35 14.79
C ILE A 147 -22.98 -0.73 16.24
N ALA A 148 -24.22 -0.38 16.67
CA ALA A 148 -24.69 -0.80 18.00
C ALA A 148 -24.92 -2.32 18.02
N ARG A 149 -24.73 -2.92 19.19
CA ARG A 149 -25.01 -4.36 19.40
C ARG A 149 -26.27 -4.48 20.26
N PRO A 150 -27.12 -5.50 20.06
CA PRO A 150 -27.03 -6.60 19.06
C PRO A 150 -27.19 -6.15 17.62
N ASP A 151 -27.92 -5.04 17.39
CA ASP A 151 -28.18 -4.52 16.05
C ASP A 151 -28.57 -3.06 16.15
N ASP A 152 -28.86 -2.43 15.00
CA ASP A 152 -29.16 -1.01 14.89
C ASP A 152 -30.53 -0.60 15.46
N SER A 153 -31.33 -1.54 15.97
CA SER A 153 -32.59 -1.16 16.60
C SER A 153 -32.34 -0.68 18.04
N LEU A 154 -31.12 -0.92 18.61
CA LEU A 154 -30.83 -0.45 19.96
C LEU A 154 -30.34 0.98 19.92
N GLU A 155 -31.26 1.91 20.17
CA GLU A 155 -30.97 3.33 20.05
C GLU A 155 -29.80 3.76 20.94
N PRO A 156 -28.74 4.38 20.37
CA PRO A 156 -27.61 4.82 21.21
C PRO A 156 -28.02 5.97 22.14
N PHE A 157 -27.26 6.15 23.21
CA PHE A 157 -27.53 7.23 24.18
C PHE A 157 -27.73 8.60 23.54
N PHE A 158 -26.78 9.06 22.66
CA PHE A 158 -26.90 10.41 22.13
C PHE A 158 -28.14 10.62 21.29
N ASP A 159 -28.57 9.57 20.56
CA ASP A 159 -29.79 9.57 19.76
C ASP A 159 -31.00 9.80 20.71
N SER A 160 -31.04 9.08 21.85
CA SER A 160 -32.12 9.23 22.84
C SER A 160 -32.13 10.63 23.41
N LEU A 161 -30.92 11.14 23.75
CA LEU A 161 -30.78 12.47 24.32
C LEU A 161 -31.37 13.54 23.36
N VAL A 162 -31.03 13.46 22.07
CA VAL A 162 -31.50 14.44 21.09
C VAL A 162 -33.01 14.32 20.87
N LYS A 163 -33.53 13.10 20.81
CA LYS A 163 -34.95 12.83 20.56
C LYS A 163 -35.84 13.31 21.72
N GLN A 164 -35.39 13.10 22.96
CA GLN A 164 -36.20 13.41 24.15
C GLN A 164 -36.09 14.83 24.68
N THR A 165 -35.06 15.61 24.24
CA THR A 165 -34.82 16.96 24.74
C THR A 165 -34.63 17.94 23.59
N HIS A 166 -34.30 19.20 23.92
CA HIS A 166 -34.01 20.21 22.88
C HIS A 166 -32.46 20.36 22.72
N VAL A 167 -31.66 19.40 23.25
CA VAL A 167 -30.20 19.47 23.12
C VAL A 167 -29.84 19.37 21.61
N PRO A 168 -29.09 20.35 21.06
CA PRO A 168 -28.69 20.28 19.65
C PRO A 168 -27.89 19.02 19.33
N ASN A 169 -28.04 18.50 18.11
CA ASN A 169 -27.42 17.25 17.69
C ASN A 169 -25.93 17.45 17.35
N LEU A 170 -25.15 17.70 18.39
CA LEU A 170 -23.71 18.00 18.27
C LEU A 170 -23.05 17.84 19.62
N PHE A 171 -21.79 17.38 19.64
CA PHE A 171 -21.02 17.37 20.88
C PHE A 171 -19.59 17.66 20.46
N SER A 172 -18.78 18.09 21.39
CA SER A 172 -17.39 18.43 21.08
C SER A 172 -16.50 17.96 22.20
N LEU A 173 -15.28 17.53 21.82
CA LEU A 173 -14.34 16.97 22.79
C LEU A 173 -13.01 17.67 22.76
N GLN A 174 -12.51 17.95 23.94
CA GLN A 174 -11.18 18.51 24.15
C GLN A 174 -10.51 17.52 25.07
N LEU A 175 -9.65 16.63 24.54
CA LEU A 175 -8.91 15.66 25.39
C LEU A 175 -7.56 16.26 25.72
N CYS A 176 -7.24 16.35 27.02
CA CYS A 176 -6.02 17.03 27.43
C CYS A 176 -4.95 16.10 27.94
N GLY A 177 -3.89 15.95 27.15
CA GLY A 177 -2.73 15.18 27.56
C GLY A 177 -1.90 16.08 28.45
N ALA A 178 -1.39 15.55 29.57
CA ALA A 178 -0.64 16.39 30.51
C ALA A 178 0.76 16.76 30.03
N GLY A 179 1.33 15.91 29.17
CA GLY A 179 2.69 16.09 28.66
C GLY A 179 3.75 15.46 29.55
N PHE A 180 3.32 14.84 30.65
CA PHE A 180 4.15 14.15 31.60
C PHE A 180 3.30 13.06 32.25
N PRO A 181 3.92 12.03 32.88
CA PRO A 181 3.11 10.95 33.45
C PRO A 181 2.38 11.43 34.70
N LEU A 182 1.13 10.97 34.88
CA LEU A 182 0.32 11.29 36.05
C LEU A 182 0.24 10.05 36.90
N ASN A 183 0.66 10.14 38.17
CA ASN A 183 0.60 8.96 39.04
C ASN A 183 -0.84 8.65 39.47
N GLN A 184 -1.03 7.57 40.27
CA GLN A 184 -2.35 7.13 40.74
C GLN A 184 -3.18 8.23 41.38
N SER A 185 -2.59 9.09 42.23
CA SER A 185 -3.36 10.17 42.85
C SER A 185 -3.54 11.39 41.94
N GLU A 186 -2.50 11.73 41.15
CA GLU A 186 -2.55 12.89 40.25
C GLU A 186 -3.61 12.71 39.17
N VAL A 187 -3.72 11.51 38.59
CA VAL A 187 -4.70 11.26 37.52
C VAL A 187 -6.14 11.44 38.07
N LEU A 188 -6.34 11.20 39.40
CA LEU A 188 -7.66 11.40 39.99
C LEU A 188 -7.99 12.84 40.24
N ALA A 189 -6.96 13.69 40.48
CA ALA A 189 -7.18 15.09 40.83
C ALA A 189 -7.09 16.04 39.63
N SER A 190 -6.49 15.57 38.51
CA SER A 190 -6.25 16.37 37.32
C SER A 190 -7.46 16.52 36.39
N VAL A 191 -7.54 17.66 35.67
CA VAL A 191 -8.58 17.87 34.64
C VAL A 191 -8.09 17.24 33.35
N GLY A 192 -8.82 16.24 32.86
CA GLY A 192 -8.48 15.54 31.63
C GLY A 192 -9.07 16.14 30.38
N GLY A 193 -9.95 17.12 30.51
CA GLY A 193 -10.54 17.72 29.31
C GLY A 193 -11.99 18.03 29.46
N SER A 194 -12.65 18.27 28.32
CA SER A 194 -14.05 18.67 28.30
C SER A 194 -14.84 17.93 27.27
N MET A 195 -16.04 17.56 27.61
CA MET A 195 -17.01 17.05 26.66
C MET A 195 -18.18 18.05 26.72
N ILE A 196 -18.36 18.83 25.66
CA ILE A 196 -19.44 19.80 25.54
C ILE A 196 -20.59 19.17 24.80
N ILE A 197 -21.66 18.90 25.52
CA ILE A 197 -22.84 18.26 24.94
C ILE A 197 -23.78 19.35 24.45
N GLY A 198 -24.03 19.36 23.14
CA GLY A 198 -24.93 20.27 22.46
C GLY A 198 -24.35 21.60 22.02
N GLY A 199 -23.03 21.71 21.98
CA GLY A 199 -22.43 22.96 21.62
C GLY A 199 -20.93 22.96 21.50
N ILE A 200 -20.41 24.17 21.16
CA ILE A 200 -18.98 24.45 20.95
C ILE A 200 -18.58 25.51 21.93
N ASP A 201 -17.56 25.25 22.75
CA ASP A 201 -17.11 26.27 23.71
C ASP A 201 -15.84 26.93 23.15
N HIS A 202 -15.90 28.24 22.87
CA HIS A 202 -14.78 28.99 22.27
C HIS A 202 -13.51 29.09 23.13
N SER A 203 -13.61 28.86 24.45
CA SER A 203 -12.41 28.93 25.29
C SER A 203 -11.48 27.73 25.10
N LEU A 204 -11.97 26.64 24.48
CA LEU A 204 -11.20 25.39 24.35
C LEU A 204 -10.29 25.32 23.15
N TYR A 205 -10.35 26.31 22.27
CA TYR A 205 -9.51 26.31 21.07
C TYR A 205 -8.97 27.68 20.71
N THR A 206 -7.97 27.71 19.82
CA THR A 206 -7.43 28.96 19.28
C THR A 206 -7.53 28.85 17.78
N GLY A 207 -7.58 30.01 17.11
CA GLY A 207 -7.67 30.01 15.65
C GLY A 207 -9.02 29.58 15.12
N SER A 208 -9.06 29.13 13.87
CA SER A 208 -10.30 28.76 13.22
C SER A 208 -10.63 27.28 13.32
N LEU A 209 -11.92 26.94 13.25
CA LEU A 209 -12.38 25.57 13.15
C LEU A 209 -12.49 25.26 11.65
N TRP A 210 -11.97 24.11 11.23
CA TRP A 210 -12.05 23.64 9.85
C TRP A 210 -12.81 22.32 9.86
N TYR A 211 -13.74 22.14 8.92
CA TYR A 211 -14.60 20.97 8.90
C TYR A 211 -14.36 20.03 7.75
N THR A 212 -14.40 18.73 8.06
CA THR A 212 -14.28 17.65 7.10
C THR A 212 -15.62 16.91 7.08
N PRO A 213 -16.15 16.47 5.93
CA PRO A 213 -17.42 15.75 5.94
C PRO A 213 -17.35 14.41 6.68
N ILE A 214 -18.46 14.01 7.36
CA ILE A 214 -18.56 12.65 7.87
C ILE A 214 -18.95 11.88 6.60
N ARG A 215 -18.08 10.96 6.14
CA ARG A 215 -18.30 10.23 4.88
C ARG A 215 -19.57 9.40 4.92
N ARG A 216 -19.76 8.70 6.04
CA ARG A 216 -20.90 7.84 6.27
C ARG A 216 -21.09 7.77 7.77
N GLU A 217 -22.36 7.68 8.22
CA GLU A 217 -22.73 7.67 9.62
C GLU A 217 -22.79 6.24 10.20
N TRP A 218 -21.64 5.77 10.69
CA TRP A 218 -21.55 4.46 11.34
C TRP A 218 -20.52 4.68 12.44
N TYR A 219 -19.25 4.60 12.10
CA TYR A 219 -18.18 5.17 12.91
C TYR A 219 -18.20 6.64 12.47
N TYR A 220 -17.36 7.50 13.09
CA TYR A 220 -17.19 8.86 12.59
C TYR A 220 -16.13 8.79 11.48
N GLU A 221 -16.56 8.39 10.27
CA GLU A 221 -15.67 8.16 9.15
C GLU A 221 -15.31 9.43 8.39
N VAL A 222 -14.00 9.58 8.09
CA VAL A 222 -13.48 10.75 7.37
C VAL A 222 -12.60 10.31 6.25
N ILE A 223 -12.17 11.26 5.40
CA ILE A 223 -11.26 10.94 4.29
C ILE A 223 -9.98 11.78 4.39
N ILE A 224 -8.83 11.10 4.48
CA ILE A 224 -7.48 11.71 4.47
C ILE A 224 -7.04 11.75 3.01
N VAL A 225 -6.55 12.92 2.55
CA VAL A 225 -6.20 13.12 1.12
C VAL A 225 -4.68 13.30 0.88
N ARG A 226 -3.90 13.55 1.94
CA ARG A 226 -2.44 13.74 1.81
C ARG A 226 -1.85 13.58 3.20
N VAL A 227 -0.62 13.05 3.27
CA VAL A 227 0.10 12.90 4.52
C VAL A 227 1.50 13.45 4.31
N GLU A 228 1.95 14.29 5.23
CA GLU A 228 3.34 14.83 5.22
C GLU A 228 4.03 14.54 6.52
N ILE A 229 5.35 14.33 6.44
CA ILE A 229 6.23 14.18 7.59
C ILE A 229 7.26 15.33 7.45
N ASN A 230 7.16 16.37 8.31
CA ASN A 230 8.04 17.56 8.20
C ASN A 230 7.94 18.19 6.79
N GLY A 231 6.73 18.24 6.28
CA GLY A 231 6.49 18.88 4.99
C GLY A 231 6.74 17.99 3.80
N GLN A 232 7.33 16.80 4.03
CA GLN A 232 7.63 15.88 2.93
C GLN A 232 6.46 14.96 2.70
N ASP A 233 5.92 15.01 1.48
CA ASP A 233 4.78 14.21 1.06
C ASP A 233 5.13 12.72 1.16
N LEU A 234 4.29 11.94 1.85
CA LEU A 234 4.48 10.49 1.93
C LEU A 234 4.32 9.85 0.50
N LYS A 235 3.60 10.56 -0.39
CA LYS A 235 3.43 10.30 -1.84
C LYS A 235 2.81 8.95 -2.17
N MET A 236 1.92 8.48 -1.30
CA MET A 236 1.21 7.23 -1.50
C MET A 236 -0.10 7.52 -2.22
N ASP A 237 -0.67 6.52 -2.92
CA ASP A 237 -1.99 6.67 -3.52
C ASP A 237 -2.90 6.96 -2.30
N CYS A 238 -3.67 8.05 -2.33
CA CYS A 238 -4.48 8.47 -1.18
C CYS A 238 -5.50 7.44 -0.71
N LYS A 239 -5.86 6.46 -1.58
CA LYS A 239 -6.73 5.35 -1.16
C LYS A 239 -6.06 4.55 -0.05
N GLU A 240 -4.71 4.44 -0.05
CA GLU A 240 -3.99 3.69 0.96
C GLU A 240 -4.22 4.28 2.35
N TYR A 241 -4.40 5.61 2.44
CA TYR A 241 -4.55 6.25 3.75
C TYR A 241 -5.90 5.95 4.39
N ASN A 242 -6.89 5.54 3.57
CA ASN A 242 -8.24 5.26 4.04
C ASN A 242 -8.62 3.81 3.80
N TYR A 243 -7.62 2.92 3.77
CA TYR A 243 -7.85 1.51 3.53
C TYR A 243 -7.92 0.75 4.86
N ASP A 244 -9.10 0.23 5.28
CA ASP A 244 -10.38 0.23 4.58
C ASP A 244 -11.34 1.34 5.00
N LYS A 245 -10.93 2.16 5.99
CA LYS A 245 -11.68 3.34 6.44
C LYS A 245 -10.75 4.21 7.25
N SER A 246 -11.13 5.45 7.52
CA SER A 246 -10.41 6.33 8.44
C SER A 246 -11.44 6.84 9.43
N ILE A 247 -11.18 6.71 10.74
CA ILE A 247 -12.17 7.14 11.75
C ILE A 247 -11.57 8.01 12.82
N VAL A 248 -12.45 8.77 13.55
CA VAL A 248 -12.05 9.59 14.68
C VAL A 248 -12.52 8.84 15.93
N ASP A 249 -11.58 8.39 16.77
CA ASP A 249 -11.91 7.48 17.89
C ASP A 249 -11.29 7.86 19.21
N SER A 250 -12.11 8.44 20.13
CA SER A 250 -11.61 8.80 21.47
C SER A 250 -11.26 7.56 22.33
N GLY A 251 -11.72 6.36 21.91
CA GLY A 251 -11.47 5.10 22.60
C GLY A 251 -10.25 4.33 22.10
N THR A 252 -9.39 4.98 21.31
CA THR A 252 -8.10 4.41 20.85
C THR A 252 -7.01 5.35 21.35
N THR A 253 -5.95 4.80 21.96
CA THR A 253 -4.86 5.64 22.48
C THR A 253 -4.02 6.20 21.34
N ASN A 254 -3.62 5.33 20.39
CA ASN A 254 -2.67 5.72 19.36
C ASN A 254 -3.22 6.35 18.13
N LEU A 255 -2.31 6.88 17.26
CA LEU A 255 -2.63 7.18 15.89
C LEU A 255 -2.34 5.82 15.23
N ARG A 256 -3.34 5.16 14.64
CA ARG A 256 -3.09 3.85 14.01
C ARG A 256 -3.23 4.02 12.50
N LEU A 257 -2.26 3.46 11.76
CA LEU A 257 -2.23 3.62 10.32
C LEU A 257 -2.26 2.27 9.63
N PRO A 258 -2.89 2.20 8.45
CA PRO A 258 -2.89 0.94 7.65
C PRO A 258 -1.45 0.46 7.46
N LYS A 259 -1.25 -0.85 7.51
CA LYS A 259 0.09 -1.48 7.42
C LYS A 259 1.08 -0.77 6.47
N LYS A 260 0.70 -0.58 5.20
CA LYS A 260 1.61 0.02 4.21
C LYS A 260 1.94 1.48 4.56
N VAL A 261 0.93 2.21 5.07
CA VAL A 261 1.11 3.62 5.45
C VAL A 261 2.01 3.69 6.65
N PHE A 262 1.77 2.83 7.64
CA PHE A 262 2.61 2.76 8.83
C PHE A 262 4.08 2.52 8.43
N GLU A 263 4.29 1.54 7.52
CA GLU A 263 5.66 1.23 7.07
C GLU A 263 6.34 2.46 6.43
N ALA A 264 5.64 3.18 5.56
CA ALA A 264 6.20 4.37 4.91
C ALA A 264 6.42 5.49 5.92
N ALA A 265 5.44 5.69 6.82
CA ALA A 265 5.55 6.75 7.82
C ALA A 265 6.71 6.52 8.77
N VAL A 266 6.90 5.29 9.26
CA VAL A 266 7.98 5.00 10.20
C VAL A 266 9.32 5.19 9.50
N LYS A 267 9.43 4.76 8.23
CA LYS A 267 10.68 4.98 7.50
C LYS A 267 10.99 6.48 7.45
N SER A 268 9.96 7.31 7.15
CA SER A 268 10.14 8.76 7.06
C SER A 268 10.46 9.40 8.43
N ILE A 269 9.78 8.94 9.49
CA ILE A 269 10.03 9.46 10.83
C ILE A 269 11.45 9.08 11.30
N LYS A 270 11.88 7.82 11.03
CA LYS A 270 13.25 7.41 11.35
C LYS A 270 14.28 8.29 10.59
N ALA A 271 14.02 8.58 9.29
CA ALA A 271 14.93 9.39 8.47
C ALA A 271 15.04 10.80 9.03
N ALA A 272 13.88 11.39 9.42
CA ALA A 272 13.89 12.75 9.98
C ALA A 272 14.60 12.83 11.32
N SER A 273 14.53 11.75 12.13
CA SER A 273 15.12 11.71 13.47
C SER A 273 16.46 10.96 13.53
N SER A 274 17.11 10.79 12.35
CA SER A 274 18.28 9.92 12.17
C SER A 274 19.52 10.36 12.95
N THR A 275 19.52 11.57 13.57
CA THR A 275 20.68 11.93 14.40
C THR A 275 20.75 11.09 15.69
N GLU A 276 19.67 10.39 16.04
CA GLU A 276 19.57 9.50 17.19
C GLU A 276 18.97 8.18 16.74
N LYS A 277 19.63 7.07 17.05
CA LYS A 277 19.16 5.74 16.65
C LYS A 277 18.37 5.16 17.81
N PHE A 278 17.19 4.63 17.50
CA PHE A 278 16.34 4.02 18.51
C PHE A 278 16.18 2.54 18.22
N PRO A 279 16.03 1.69 19.25
CA PRO A 279 15.86 0.24 18.98
C PRO A 279 14.53 -0.08 18.29
N ASP A 280 14.49 -1.19 17.54
CA ASP A 280 13.29 -1.64 16.83
C ASP A 280 12.06 -1.68 17.77
N GLY A 281 12.27 -2.10 19.02
CA GLY A 281 11.21 -2.17 20.03
C GLY A 281 10.55 -0.83 20.30
N PHE A 282 11.31 0.26 20.19
CA PHE A 282 10.73 1.59 20.36
C PHE A 282 9.73 1.84 19.24
N TRP A 283 10.12 1.61 17.98
CA TRP A 283 9.25 1.87 16.83
C TRP A 283 8.03 0.96 16.79
N LEU A 284 8.10 -0.21 17.50
CA LEU A 284 7.00 -1.16 17.58
C LEU A 284 6.04 -0.80 18.73
N GLY A 285 6.36 0.27 19.46
CA GLY A 285 5.53 0.72 20.58
C GLY A 285 5.64 -0.12 21.83
N GLU A 286 6.62 -1.01 21.89
CA GLU A 286 6.80 -1.91 23.02
C GLU A 286 7.70 -1.33 24.11
N GLN A 287 8.84 -0.75 23.70
CA GLN A 287 9.87 -0.29 24.59
C GLN A 287 9.82 1.19 24.81
N LEU A 288 10.03 1.63 26.05
CA LEU A 288 10.13 3.07 26.28
C LEU A 288 11.53 3.57 25.91
N VAL A 289 11.63 4.89 25.67
CA VAL A 289 12.89 5.60 25.45
C VAL A 289 12.92 6.68 26.53
N CYS A 290 14.08 6.89 27.19
CA CYS A 290 14.22 7.85 28.30
C CYS A 290 15.32 8.85 28.03
N TRP A 291 15.14 10.08 28.49
CA TRP A 291 16.15 11.11 28.43
C TRP A 291 16.27 11.72 29.82
N GLN A 292 17.44 12.27 30.12
CA GLN A 292 17.65 12.97 31.39
C GLN A 292 16.57 14.06 31.50
N ALA A 293 16.06 14.30 32.71
CA ALA A 293 15.00 15.28 32.98
C ALA A 293 15.16 16.58 32.20
N GLY A 294 14.12 16.95 31.43
CA GLY A 294 14.09 18.18 30.67
C GLY A 294 14.83 18.21 29.35
N THR A 295 15.52 17.13 29.00
CA THR A 295 16.36 17.10 27.79
C THR A 295 15.78 16.37 26.59
N THR A 296 14.47 16.03 26.62
CA THR A 296 13.84 15.35 25.46
C THR A 296 14.16 16.17 24.19
N PRO A 297 14.75 15.54 23.17
CA PRO A 297 15.11 16.30 21.95
C PRO A 297 13.96 16.40 20.98
N TRP A 298 12.89 17.10 21.39
CA TRP A 298 11.72 17.28 20.55
C TRP A 298 12.05 17.69 19.11
N ASN A 299 13.00 18.65 18.98
CA ASN A 299 13.38 19.20 17.67
C ASN A 299 13.89 18.19 16.65
N ILE A 300 14.39 17.02 17.08
CA ILE A 300 14.89 16.03 16.10
C ILE A 300 13.74 15.25 15.45
N PHE A 301 12.59 15.24 16.14
CA PHE A 301 11.42 14.50 15.66
C PHE A 301 10.57 15.41 14.77
N PRO A 302 10.01 14.84 13.70
CA PRO A 302 9.24 15.66 12.75
C PRO A 302 7.79 15.93 13.19
N VAL A 303 7.20 16.97 12.60
CA VAL A 303 5.78 17.20 12.76
C VAL A 303 5.09 16.27 11.71
N ILE A 304 3.82 15.94 11.97
CA ILE A 304 3.06 15.07 11.05
C ILE A 304 1.82 15.80 10.68
N SER A 305 1.53 15.90 9.38
CA SER A 305 0.32 16.59 8.91
C SER A 305 -0.57 15.62 8.19
N LEU A 306 -1.87 15.68 8.52
CA LEU A 306 -2.88 14.90 7.83
C LEU A 306 -3.78 15.92 7.13
N TYR A 307 -3.94 15.79 5.80
CA TYR A 307 -4.82 16.67 5.04
C TYR A 307 -6.14 15.94 4.95
N LEU A 308 -7.20 16.65 5.27
CA LEU A 308 -8.55 16.08 5.25
C LEU A 308 -9.38 16.80 4.20
N MET A 309 -10.33 16.06 3.60
CA MET A 309 -11.29 16.63 2.63
C MET A 309 -12.04 17.81 3.27
N GLY A 310 -12.17 18.90 2.55
CA GLY A 310 -12.86 20.08 3.02
C GLY A 310 -14.35 20.02 2.67
N GLU A 311 -15.11 21.02 3.13
CA GLU A 311 -16.55 21.05 2.85
C GLU A 311 -16.83 21.58 1.44
N VAL A 312 -15.90 22.38 0.91
CA VAL A 312 -15.96 22.99 -0.42
C VAL A 312 -15.31 22.04 -1.42
N THR A 313 -15.91 21.89 -2.62
CA THR A 313 -15.39 21.04 -3.70
C THR A 313 -13.94 21.44 -3.97
N ASN A 314 -13.07 20.44 -4.16
CA ASN A 314 -11.63 20.58 -4.48
C ASN A 314 -10.80 21.34 -3.43
N GLN A 315 -11.32 21.41 -2.18
CA GLN A 315 -10.61 22.11 -1.11
C GLN A 315 -10.27 21.13 0.00
N SER A 316 -9.07 21.25 0.58
CA SER A 316 -8.71 20.42 1.75
C SER A 316 -8.13 21.35 2.81
N PHE A 317 -7.89 20.81 4.00
CA PHE A 317 -7.18 21.57 5.02
C PHE A 317 -6.25 20.58 5.70
N ARG A 318 -5.32 21.05 6.51
CA ARG A 318 -4.44 20.11 7.20
C ARG A 318 -4.45 20.30 8.70
N ILE A 319 -4.23 19.21 9.42
CA ILE A 319 -4.04 19.24 10.86
C ILE A 319 -2.60 18.77 11.08
N THR A 320 -1.84 19.46 11.93
CA THR A 320 -0.45 19.13 12.18
C THR A 320 -0.21 18.87 13.65
N ILE A 321 0.40 17.73 13.96
CA ILE A 321 0.72 17.37 15.33
C ILE A 321 2.21 17.33 15.50
N LEU A 322 2.63 17.39 16.76
CA LEU A 322 4.04 17.40 17.14
C LEU A 322 4.43 16.09 17.76
N PRO A 323 5.75 15.85 17.94
CA PRO A 323 6.14 14.69 18.73
C PRO A 323 5.58 14.76 20.17
N GLN A 324 5.25 15.97 20.70
CA GLN A 324 4.63 16.06 22.04
C GLN A 324 3.26 15.35 22.07
N GLN A 325 2.64 15.13 20.89
CA GLN A 325 1.40 14.36 20.79
C GLN A 325 1.70 12.89 20.53
N TYR A 326 2.65 12.54 19.62
CA TYR A 326 2.81 11.12 19.27
C TYR A 326 3.85 10.36 20.10
N LEU A 327 4.54 11.02 21.04
CA LEU A 327 5.41 10.36 22.03
C LEU A 327 4.62 10.45 23.35
N ARG A 328 4.06 9.31 23.78
CA ARG A 328 3.21 9.26 24.98
C ARG A 328 4.04 9.17 26.26
N PRO A 329 3.90 10.14 27.20
CA PRO A 329 4.71 10.08 28.43
C PRO A 329 4.34 8.89 29.30
N VAL A 330 5.36 8.18 29.78
CA VAL A 330 5.18 7.00 30.65
C VAL A 330 6.18 7.09 31.80
N GLU A 331 5.84 6.48 32.93
CA GLU A 331 6.78 6.44 34.05
C GLU A 331 7.76 5.30 33.84
N ASP A 332 9.04 5.57 34.14
CA ASP A 332 10.20 4.66 34.01
C ASP A 332 10.01 3.41 34.86
N SER A 336 12.19 7.14 38.46
CA SER A 336 13.35 7.98 38.22
C SER A 336 12.94 9.40 37.82
N GLN A 337 13.92 10.30 37.70
CA GLN A 337 13.68 11.67 37.27
C GLN A 337 13.80 11.84 35.75
N ASP A 338 14.08 10.74 35.02
CA ASP A 338 14.15 10.79 33.56
C ASP A 338 12.78 11.04 32.97
N ASP A 339 12.75 11.63 31.77
CA ASP A 339 11.49 11.85 31.02
C ASP A 339 11.45 10.73 29.99
N CYS A 340 10.46 9.82 30.12
CA CYS A 340 10.31 8.62 29.30
C CYS A 340 9.06 8.62 28.48
N TYR A 341 9.10 7.97 27.31
CA TYR A 341 7.97 7.95 26.38
C TYR A 341 7.86 6.67 25.63
N LYS A 342 6.65 6.38 25.14
CA LYS A 342 6.46 5.29 24.20
C LYS A 342 6.01 5.91 22.87
N PHE A 343 6.41 5.30 21.76
CA PHE A 343 6.01 5.75 20.43
C PHE A 343 4.55 5.35 20.23
N ALA A 344 3.66 6.34 20.01
CA ALA A 344 2.21 6.08 19.97
C ALA A 344 1.60 6.15 18.56
N ILE A 345 2.37 5.67 17.57
CA ILE A 345 1.90 5.50 16.21
C ILE A 345 2.08 4.02 15.97
N SER A 346 1.00 3.34 15.55
CA SER A 346 1.08 1.90 15.36
C SER A 346 0.30 1.41 14.15
N GLN A 347 0.55 0.16 13.77
CA GLN A 347 -0.04 -0.44 12.58
C GLN A 347 -1.48 -0.87 12.84
N SER A 348 -2.27 -0.85 11.78
CA SER A 348 -3.65 -1.31 11.79
C SER A 348 -3.94 -2.18 10.57
N SER A 349 -4.87 -3.15 10.72
CA SER A 349 -5.34 -3.94 9.58
C SER A 349 -6.81 -3.56 9.35
N THR A 350 -7.32 -2.56 10.09
CA THR A 350 -8.71 -2.11 9.97
C THR A 350 -8.84 -0.61 9.65
N GLY A 351 -7.83 -0.04 8.99
CA GLY A 351 -7.87 1.34 8.58
C GLY A 351 -7.19 2.33 9.53
N THR A 352 -7.24 3.61 9.18
CA THR A 352 -6.63 4.63 10.03
C THR A 352 -7.54 4.89 11.22
N VAL A 353 -6.93 5.04 12.39
CA VAL A 353 -7.66 5.42 13.59
C VAL A 353 -7.03 6.67 14.16
N MET A 354 -7.76 7.78 14.14
CA MET A 354 -7.26 9.02 14.73
C MET A 354 -7.68 8.98 16.20
N GLY A 355 -6.82 8.40 17.02
CA GLY A 355 -7.07 8.24 18.46
C GLY A 355 -6.63 9.44 19.27
N ALA A 356 -6.41 9.23 20.58
CA ALA A 356 -5.98 10.30 21.49
C ALA A 356 -4.72 11.03 21.03
N VAL A 357 -3.81 10.39 20.27
CA VAL A 357 -2.62 11.11 19.69
C VAL A 357 -3.05 12.29 18.85
N ILE A 358 -4.07 12.09 18.05
CA ILE A 358 -4.56 13.18 17.23
C ILE A 358 -5.39 14.07 18.12
N MET A 359 -6.33 13.46 18.85
CA MET A 359 -7.31 14.22 19.56
C MET A 359 -6.76 15.14 20.62
N GLU A 360 -5.62 14.79 21.26
CA GLU A 360 -5.01 15.64 22.26
C GLU A 360 -4.45 16.95 21.66
N GLY A 361 -4.26 16.98 20.35
CA GLY A 361 -3.75 18.22 19.76
C GLY A 361 -4.85 19.20 19.42
N PHE A 362 -6.10 18.70 19.34
CA PHE A 362 -7.17 19.51 18.80
C PHE A 362 -8.44 19.48 19.59
N TYR A 363 -9.23 20.53 19.40
CA TYR A 363 -10.61 20.56 19.87
C TYR A 363 -11.39 19.97 18.70
N VAL A 364 -12.16 18.91 18.97
CA VAL A 364 -12.85 18.18 17.91
C VAL A 364 -14.37 18.32 18.08
N VAL A 365 -15.02 18.79 17.01
CA VAL A 365 -16.45 19.03 16.99
C VAL A 365 -17.15 17.96 16.17
N PHE A 366 -18.00 17.15 16.84
CA PHE A 366 -18.76 16.10 16.21
C PHE A 366 -20.11 16.68 15.85
N ASP A 367 -20.15 17.35 14.69
CA ASP A 367 -21.35 18.05 14.22
C ASP A 367 -22.25 17.08 13.47
N ARG A 368 -22.98 16.28 14.25
CA ARG A 368 -23.88 15.28 13.69
C ARG A 368 -24.99 15.93 12.82
N ALA A 369 -25.51 17.09 13.25
CA ALA A 369 -26.58 17.79 12.54
C ALA A 369 -26.19 18.19 11.12
N ARG A 370 -24.92 18.57 10.92
CA ARG A 370 -24.43 18.97 9.62
C ARG A 370 -23.50 17.93 8.99
N LYS A 371 -23.46 16.68 9.56
CA LYS A 371 -22.70 15.55 9.01
C LYS A 371 -21.23 15.98 8.72
N ARG A 372 -20.58 16.55 9.74
CA ARG A 372 -19.21 17.02 9.58
C ARG A 372 -18.45 16.99 10.89
N ILE A 373 -17.12 16.92 10.81
CA ILE A 373 -16.26 16.95 12.00
C ILE A 373 -15.34 18.17 11.91
N GLY A 374 -15.33 19.00 12.96
CA GLY A 374 -14.50 20.19 13.02
C GLY A 374 -13.25 19.97 13.83
N PHE A 375 -12.16 20.63 13.40
CA PHE A 375 -10.89 20.59 14.11
C PHE A 375 -10.37 22.01 14.30
N ALA A 376 -9.87 22.29 15.48
CA ALA A 376 -9.18 23.54 15.80
C ALA A 376 -8.04 23.22 16.75
N VAL A 377 -7.00 24.06 16.77
CA VAL A 377 -5.89 23.84 17.70
C VAL A 377 -6.41 23.87 19.14
N SER A 378 -6.06 22.84 19.94
CA SER A 378 -6.56 22.80 21.31
C SER A 378 -5.82 23.79 22.18
N ALA A 379 -6.58 24.49 23.05
CA ALA A 379 -6.01 25.40 24.03
C ALA A 379 -5.16 24.63 25.07
N CYS A 380 -5.32 23.28 25.14
CA CYS A 380 -4.55 22.47 26.10
C CYS A 380 -3.50 21.55 25.43
N HIS A 381 -3.17 21.75 24.14
CA HIS A 381 -2.16 20.86 23.56
C HIS A 381 -0.77 21.16 24.10
N VAL A 382 0.04 20.11 24.22
CA VAL A 382 1.41 20.22 24.71
C VAL A 382 2.30 20.65 23.52
N HIS A 383 3.15 21.63 23.77
CA HIS A 383 4.09 22.09 22.71
C HIS A 383 5.34 22.65 23.36
N ASP A 384 6.20 23.27 22.54
CA ASP A 384 7.41 23.89 23.06
C ASP A 384 7.45 25.34 22.55
N GLU A 385 8.54 26.10 22.82
CA GLU A 385 8.57 27.48 22.39
C GLU A 385 8.80 27.64 20.88
N PHE A 386 9.17 26.56 20.19
CA PHE A 386 9.52 26.66 18.77
C PHE A 386 8.45 26.19 17.78
N ARG A 387 7.56 25.27 18.20
CA ARG A 387 6.55 24.69 17.31
C ARG A 387 5.25 24.52 18.09
N THR A 388 4.17 24.60 17.36
CA THR A 388 2.82 24.38 17.88
C THR A 388 2.05 23.47 16.91
N ALA A 389 1.00 22.81 17.45
CA ALA A 389 0.07 22.06 16.60
C ALA A 389 -0.64 23.12 15.72
N ALA A 390 -1.20 22.70 14.60
CA ALA A 390 -1.82 23.65 13.67
C ALA A 390 -3.00 23.07 12.94
N VAL A 391 -3.90 23.95 12.50
CA VAL A 391 -5.03 23.57 11.64
C VAL A 391 -5.06 24.69 10.61
N GLU A 392 -4.78 24.35 9.36
CA GLU A 392 -4.59 25.37 8.32
C GLU A 392 -5.26 25.02 7.04
N GLY A 393 -5.64 26.06 6.28
CA GLY A 393 -6.24 25.85 4.98
C GLY A 393 -6.59 27.16 4.31
N PRO A 394 -7.17 27.10 3.10
CA PRO A 394 -7.43 25.91 2.31
C PRO A 394 -6.28 25.55 1.37
N PHE A 395 -6.34 24.34 0.84
CA PHE A 395 -5.41 23.87 -0.18
C PHE A 395 -6.25 23.32 -1.32
N VAL A 396 -5.77 23.49 -2.54
CA VAL A 396 -6.47 22.93 -3.68
C VAL A 396 -6.06 21.44 -3.78
N THR A 397 -7.06 20.53 -3.74
CA THR A 397 -6.82 19.09 -3.88
C THR A 397 -7.87 18.52 -4.82
N LEU A 398 -7.41 17.85 -5.87
CA LEU A 398 -8.33 17.26 -6.87
C LEU A 398 -8.65 15.81 -6.57
N ASP A 399 -9.76 15.30 -7.17
CA ASP A 399 -10.25 13.91 -7.10
C ASP A 399 -10.21 13.30 -5.67
N MET A 400 -10.69 14.04 -4.69
CA MET A 400 -10.69 13.61 -3.28
C MET A 400 -11.64 12.45 -2.97
N GLU A 401 -12.75 12.33 -3.76
CA GLU A 401 -13.69 11.23 -3.58
C GLU A 401 -12.99 9.91 -3.93
N ASP A 402 -11.94 9.98 -4.82
CA ASP A 402 -11.12 8.83 -5.19
C ASP A 402 -10.30 8.31 -4.02
N CYS A 403 -10.11 9.11 -2.96
CA CYS A 403 -9.34 8.70 -1.78
C CYS A 403 -10.13 7.76 -0.88
N GLY A 404 -11.45 7.78 -1.02
CA GLY A 404 -12.31 6.90 -0.23
C GLY A 404 -12.24 5.47 -0.72
N TYR A 405 -12.19 4.50 0.19
CA TYR A 405 -12.15 3.08 -0.15
C TYR A 405 -13.57 2.50 -0.25
N ASN A 406 -13.78 1.59 -1.24
CA ASN A 406 -15.05 0.87 -1.46
C ASN A 406 -14.76 -0.63 -1.54
N ILE A 407 -15.61 -1.45 -0.87
CA ILE A 407 -15.60 -2.93 -0.81
C ILE A 407 -14.54 -3.44 0.16
N ARG B 17 26.91 -27.43 -27.92
CA ARG B 17 25.55 -27.95 -27.92
C ARG B 17 24.59 -26.98 -28.62
N GLY B 18 23.62 -27.56 -29.32
CA GLY B 18 22.56 -26.82 -30.01
C GLY B 18 21.21 -27.31 -29.55
N SER B 19 21.20 -28.18 -28.52
CA SER B 19 20.02 -28.80 -27.91
C SER B 19 20.22 -28.84 -26.39
N PHE B 20 19.29 -28.22 -25.66
CA PHE B 20 19.32 -28.13 -24.20
C PHE B 20 17.98 -28.58 -23.68
N VAL B 21 17.68 -29.88 -23.90
CA VAL B 21 16.41 -30.51 -23.56
C VAL B 21 16.02 -30.32 -22.08
N GLU B 22 16.99 -30.36 -21.15
CA GLU B 22 16.75 -30.19 -19.72
C GLU B 22 16.19 -28.78 -19.37
N MET B 23 16.39 -27.81 -20.27
CA MET B 23 15.95 -26.44 -20.04
C MET B 23 14.80 -26.01 -20.91
N VAL B 24 14.52 -26.74 -21.99
CA VAL B 24 13.39 -26.35 -22.86
C VAL B 24 12.11 -26.52 -22.03
N ASP B 25 11.18 -25.53 -22.14
CA ASP B 25 9.89 -25.54 -21.50
C ASP B 25 9.97 -25.42 -19.96
N ASN B 26 10.99 -24.69 -19.48
CA ASN B 26 11.17 -24.51 -18.03
C ASN B 26 10.48 -23.23 -17.50
N LEU B 27 9.81 -22.44 -18.38
CA LEU B 27 9.11 -21.25 -17.89
C LEU B 27 7.60 -21.44 -17.83
N ARG B 28 6.94 -20.68 -16.97
CA ARG B 28 5.48 -20.62 -16.87
C ARG B 28 5.10 -19.16 -16.71
N GLY B 29 3.83 -18.86 -16.94
CA GLY B 29 3.35 -17.49 -16.80
C GLY B 29 2.77 -16.93 -18.08
N LYS B 30 2.56 -15.61 -18.09
CA LYS B 30 1.99 -14.92 -19.24
C LYS B 30 2.42 -13.46 -19.15
N SER B 31 2.31 -12.67 -20.24
CA SER B 31 2.85 -11.31 -20.23
C SER B 31 2.33 -10.38 -19.12
N GLY B 32 1.04 -10.47 -18.79
CA GLY B 32 0.44 -9.63 -17.76
C GLY B 32 0.91 -9.90 -16.33
N GLN B 33 1.32 -11.14 -16.05
CA GLN B 33 1.74 -11.60 -14.72
C GLN B 33 3.25 -11.83 -14.64
N GLY B 34 3.92 -11.85 -15.79
CA GLY B 34 5.34 -12.13 -15.93
C GLY B 34 5.58 -13.62 -16.14
N TYR B 35 6.82 -13.98 -16.50
CA TYR B 35 7.22 -15.38 -16.74
C TYR B 35 8.18 -15.75 -15.65
N TYR B 36 8.06 -16.98 -15.13
CA TYR B 36 8.89 -17.38 -14.01
C TYR B 36 9.53 -18.74 -14.21
N VAL B 37 10.62 -18.95 -13.47
CA VAL B 37 11.39 -20.19 -13.49
C VAL B 37 11.47 -20.73 -12.06
N GLU B 38 11.56 -22.06 -11.92
CA GLU B 38 11.69 -22.62 -10.58
C GLU B 38 13.15 -22.53 -10.16
N MET B 39 13.39 -22.15 -8.90
CA MET B 39 14.74 -22.12 -8.33
C MET B 39 14.68 -22.73 -6.92
N THR B 40 15.86 -23.07 -6.37
CA THR B 40 15.89 -23.52 -4.97
C THR B 40 16.89 -22.65 -4.23
N VAL B 41 16.60 -22.33 -2.98
CA VAL B 41 17.52 -21.51 -2.18
C VAL B 41 17.73 -22.25 -0.84
N GLY B 42 18.93 -22.19 -0.29
CA GLY B 42 19.17 -22.77 1.03
C GLY B 42 19.49 -24.25 1.09
N SER B 43 19.82 -24.72 2.32
CA SER B 43 20.14 -26.12 2.63
C SER B 43 19.37 -26.54 3.89
N PRO B 44 18.42 -27.49 3.81
CA PRO B 44 17.98 -28.23 2.60
C PRO B 44 17.32 -27.27 1.58
N PRO B 45 17.23 -27.65 0.30
CA PRO B 45 16.68 -26.69 -0.69
C PRO B 45 15.22 -26.30 -0.48
N GLN B 46 14.94 -24.97 -0.57
CA GLN B 46 13.59 -24.42 -0.48
C GLN B 46 13.23 -24.01 -1.91
N THR B 47 12.17 -24.64 -2.45
CA THR B 47 11.70 -24.37 -3.82
C THR B 47 10.89 -23.09 -3.85
N LEU B 48 11.19 -22.22 -4.85
CA LEU B 48 10.44 -20.99 -5.07
C LEU B 48 10.33 -20.78 -6.57
N ASN B 49 9.27 -20.10 -6.99
CA ASN B 49 9.07 -19.69 -8.39
C ASN B 49 9.52 -18.26 -8.50
N ILE B 50 10.36 -17.98 -9.50
CA ILE B 50 11.02 -16.68 -9.59
C ILE B 50 10.82 -16.00 -10.94
N LEU B 51 10.30 -14.77 -10.90
CA LEU B 51 10.07 -13.93 -12.11
C LEU B 51 11.39 -13.66 -12.82
N VAL B 52 11.42 -13.89 -14.13
CA VAL B 52 12.63 -13.66 -14.94
C VAL B 52 12.59 -12.21 -15.45
N ASP B 53 13.53 -11.37 -14.95
CA ASP B 53 13.53 -9.96 -15.25
C ASP B 53 14.84 -9.48 -15.86
N THR B 54 14.84 -9.23 -17.17
CA THR B 54 16.04 -8.67 -17.79
C THR B 54 16.15 -7.14 -17.57
N GLY B 55 15.17 -6.55 -16.89
CA GLY B 55 15.13 -5.10 -16.62
C GLY B 55 15.63 -4.69 -15.24
N SER B 56 16.19 -5.63 -14.48
CA SER B 56 16.76 -5.30 -13.14
C SER B 56 17.89 -6.27 -12.85
N SER B 57 18.56 -6.10 -11.70
CA SER B 57 19.78 -6.89 -11.44
C SER B 57 19.89 -7.47 -10.04
N ASN B 58 18.80 -7.46 -9.28
CA ASN B 58 18.77 -8.07 -7.92
C ASN B 58 18.03 -9.39 -7.91
N PHE B 59 18.55 -10.34 -7.13
CA PHE B 59 17.84 -11.59 -6.85
C PHE B 59 17.17 -11.35 -5.48
N ALA B 60 15.84 -11.29 -5.47
CA ALA B 60 15.11 -10.97 -4.25
C ALA B 60 13.94 -11.88 -4.10
N VAL B 61 13.70 -12.37 -2.87
CA VAL B 61 12.64 -13.34 -2.62
C VAL B 61 11.82 -12.94 -1.39
N GLY B 62 10.52 -13.28 -1.40
CA GLY B 62 9.66 -13.12 -0.22
C GLY B 62 10.27 -13.93 0.90
N ALA B 63 10.41 -13.31 2.07
CA ALA B 63 11.10 -13.95 3.22
C ALA B 63 10.30 -13.82 4.49
N ALA B 64 9.01 -13.50 4.35
CA ALA B 64 8.10 -13.32 5.48
C ALA B 64 6.69 -13.63 4.97
N PRO B 65 5.72 -13.97 5.87
CA PRO B 65 4.36 -14.24 5.38
C PRO B 65 3.74 -13.02 4.72
N HIS B 66 2.99 -13.27 3.65
CA HIS B 66 2.29 -12.24 2.87
C HIS B 66 0.97 -12.87 2.42
N PRO B 67 -0.15 -12.11 2.39
CA PRO B 67 -1.44 -12.71 1.95
C PRO B 67 -1.42 -13.36 0.56
N PHE B 68 -0.53 -12.90 -0.35
CA PHE B 68 -0.46 -13.41 -1.72
C PHE B 68 0.60 -14.52 -1.90
N LEU B 69 1.30 -14.91 -0.83
CA LEU B 69 2.31 -15.97 -0.89
C LEU B 69 1.85 -17.20 -0.13
N HIS B 70 2.12 -18.40 -0.65
CA HIS B 70 1.85 -19.65 0.07
C HIS B 70 3.16 -20.30 0.49
N ARG B 71 4.29 -19.67 0.10
CA ARG B 71 5.63 -20.10 0.50
C ARG B 71 6.60 -18.94 0.42
N TYR B 72 7.66 -19.00 1.23
CA TYR B 72 8.65 -17.95 1.29
C TYR B 72 9.94 -18.52 1.80
N TYR B 73 11.02 -17.73 1.65
CA TYR B 73 12.35 -18.13 2.06
C TYR B 73 12.45 -17.99 3.56
N GLN B 74 12.78 -19.08 4.24
CA GLN B 74 12.91 -19.15 5.69
C GLN B 74 14.40 -19.30 6.03
N ARG B 75 15.08 -18.17 6.22
CA ARG B 75 16.53 -18.12 6.44
C ARG B 75 16.96 -18.94 7.64
N GLN B 76 16.13 -18.95 8.70
CA GLN B 76 16.44 -19.70 9.93
C GLN B 76 16.46 -21.22 9.71
N LEU B 77 15.88 -21.69 8.57
CA LEU B 77 15.86 -23.11 8.24
C LEU B 77 16.95 -23.52 7.27
N SER B 78 17.81 -22.56 6.87
CA SER B 78 18.89 -22.85 5.96
C SER B 78 20.23 -22.84 6.68
N SER B 79 20.93 -23.97 6.67
CA SER B 79 22.22 -24.08 7.34
C SER B 79 23.32 -23.28 6.62
N THR B 80 23.11 -22.97 5.33
CA THR B 80 24.09 -22.27 4.50
C THR B 80 23.80 -20.78 4.36
N TYR B 81 22.77 -20.29 5.02
CA TYR B 81 22.44 -18.87 5.06
C TYR B 81 23.58 -18.07 5.72
N ARG B 82 23.93 -16.92 5.11
CA ARG B 82 24.95 -16.01 5.68
C ARG B 82 24.38 -14.61 5.67
N ASP B 83 24.34 -13.97 6.84
CA ASP B 83 23.79 -12.64 6.98
C ASP B 83 24.81 -11.58 6.58
N LEU B 84 24.43 -10.67 5.64
CA LEU B 84 25.32 -9.60 5.24
C LEU B 84 25.18 -8.37 6.13
N ARG B 85 24.22 -8.38 7.08
CA ARG B 85 23.95 -7.29 8.05
C ARG B 85 23.72 -5.95 7.34
N LYS B 86 22.93 -5.96 6.27
CA LYS B 86 22.73 -4.76 5.48
C LYS B 86 21.35 -4.80 4.86
N GLY B 87 20.68 -3.67 4.91
CA GLY B 87 19.36 -3.54 4.34
C GLY B 87 19.42 -3.08 2.90
N VAL B 88 18.29 -3.23 2.20
CA VAL B 88 18.19 -2.79 0.80
C VAL B 88 16.75 -2.33 0.59
N TYR B 89 16.59 -1.07 0.11
CA TYR B 89 15.28 -0.47 -0.15
C TYR B 89 15.20 -0.19 -1.64
N VAL B 90 14.20 -0.76 -2.31
CA VAL B 90 14.06 -0.65 -3.76
C VAL B 90 12.70 -0.07 -4.15
N PRO B 91 12.55 1.28 -4.06
CA PRO B 91 11.31 1.89 -4.57
C PRO B 91 11.42 2.06 -6.09
N TYR B 92 10.31 1.89 -6.78
CA TYR B 92 10.28 2.07 -8.24
C TYR B 92 8.92 2.68 -8.61
N THR B 93 8.65 2.92 -9.91
CA THR B 93 7.40 3.59 -10.27
C THR B 93 6.13 2.84 -9.82
N GLN B 94 5.93 1.57 -10.20
CA GLN B 94 4.67 0.89 -9.85
C GLN B 94 4.64 0.24 -8.45
N GLY B 95 5.72 0.37 -7.67
CA GLY B 95 5.76 -0.28 -6.38
C GLY B 95 7.09 -0.20 -5.66
N LYS B 96 7.26 -1.05 -4.62
CA LYS B 96 8.50 -1.02 -3.81
C LYS B 96 8.69 -2.38 -3.16
N TRP B 97 9.94 -2.65 -2.79
CA TRP B 97 10.25 -3.76 -1.91
C TRP B 97 11.41 -3.38 -1.02
N GLU B 98 11.47 -3.97 0.16
CA GLU B 98 12.57 -3.67 1.07
C GLU B 98 12.96 -5.00 1.67
N GLY B 99 14.24 -5.16 1.89
CA GLY B 99 14.71 -6.41 2.45
C GLY B 99 16.04 -6.36 3.15
N GLU B 100 16.49 -7.55 3.52
CA GLU B 100 17.74 -7.75 4.25
C GLU B 100 18.64 -8.59 3.39
N LEU B 101 19.87 -8.13 3.19
CA LEU B 101 20.83 -8.81 2.34
C LEU B 101 21.50 -9.98 3.03
N GLY B 102 21.74 -11.03 2.26
CA GLY B 102 22.45 -12.21 2.74
C GLY B 102 22.93 -13.03 1.56
N THR B 103 23.60 -14.14 1.81
CA THR B 103 23.99 -15.04 0.71
C THR B 103 23.50 -16.45 1.07
N ASP B 104 23.34 -17.29 0.05
CA ASP B 104 22.95 -18.71 0.26
C ASP B 104 23.26 -19.49 -1.00
N LEU B 105 23.15 -20.82 -0.92
CA LEU B 105 23.37 -21.70 -2.08
C LEU B 105 22.06 -21.74 -2.89
N VAL B 106 22.21 -21.52 -4.20
CA VAL B 106 21.05 -21.43 -5.13
C VAL B 106 21.24 -22.38 -6.31
N SER B 107 20.14 -23.01 -6.74
CA SER B 107 20.16 -23.92 -7.90
C SER B 107 18.92 -23.63 -8.75
N ILE B 108 18.96 -24.09 -10.01
CA ILE B 108 17.85 -23.98 -10.96
C ILE B 108 17.55 -25.41 -11.37
N PRO B 109 16.53 -26.07 -10.77
CA PRO B 109 16.26 -27.49 -11.08
C PRO B 109 16.19 -27.82 -12.58
N HIS B 110 15.52 -26.97 -13.39
CA HIS B 110 15.50 -27.22 -14.84
C HIS B 110 16.47 -26.21 -15.47
N GLY B 111 17.74 -26.32 -15.07
CA GLY B 111 18.82 -25.43 -15.49
C GLY B 111 20.11 -26.19 -15.58
N PRO B 112 21.28 -25.51 -15.53
CA PRO B 112 22.56 -26.25 -15.54
C PRO B 112 22.70 -27.04 -14.24
N ASN B 113 23.42 -28.14 -14.29
CA ASN B 113 23.58 -28.98 -13.11
C ASN B 113 24.69 -28.37 -12.22
N VAL B 114 24.39 -27.21 -11.61
CA VAL B 114 25.33 -26.48 -10.76
C VAL B 114 24.62 -25.85 -9.56
N THR B 115 25.39 -25.57 -8.48
CA THR B 115 24.88 -24.88 -7.31
C THR B 115 25.83 -23.74 -7.10
N VAL B 116 25.31 -22.53 -6.85
CA VAL B 116 26.19 -21.39 -6.65
C VAL B 116 25.87 -20.63 -5.40
N ARG B 117 26.89 -19.95 -4.84
CA ARG B 117 26.65 -19.12 -3.67
C ARG B 117 26.32 -17.72 -4.25
N ALA B 118 25.10 -17.23 -4.00
CA ALA B 118 24.64 -15.95 -4.55
C ALA B 118 24.09 -15.03 -3.52
N ASN B 119 24.07 -13.72 -3.84
CA ASN B 119 23.43 -12.71 -3.01
C ASN B 119 21.92 -12.92 -3.10
N ILE B 120 21.22 -12.72 -2.00
CA ILE B 120 19.76 -12.82 -1.94
C ILE B 120 19.26 -11.70 -1.08
N ALA B 121 18.30 -10.92 -1.61
CA ALA B 121 17.62 -9.91 -0.81
C ALA B 121 16.37 -10.59 -0.26
N ALA B 122 16.31 -10.74 1.07
CA ALA B 122 15.17 -11.36 1.72
C ALA B 122 14.12 -10.28 1.94
N ILE B 123 13.06 -10.24 1.12
CA ILE B 123 12.03 -9.20 1.22
C ILE B 123 11.17 -9.33 2.48
N THR B 124 11.15 -8.26 3.30
CA THR B 124 10.37 -8.20 4.56
C THR B 124 9.17 -7.25 4.46
N GLU B 125 9.22 -6.29 3.51
CA GLU B 125 8.13 -5.34 3.32
C GLU B 125 8.00 -5.08 1.84
N SER B 126 6.75 -4.94 1.36
CA SER B 126 6.53 -4.64 -0.06
C SER B 126 5.22 -3.92 -0.31
N ASP B 127 5.18 -3.21 -1.43
CA ASP B 127 4.04 -2.41 -1.84
C ASP B 127 3.83 -2.67 -3.34
N LYS B 128 2.70 -3.34 -3.67
CA LYS B 128 2.32 -3.68 -5.05
C LYS B 128 3.40 -4.47 -5.82
N PHE B 129 4.14 -5.35 -5.11
CA PHE B 129 5.18 -6.23 -5.68
C PHE B 129 4.57 -7.61 -5.92
N PHE B 130 4.13 -8.28 -4.85
CA PHE B 130 3.46 -9.58 -4.94
C PHE B 130 2.06 -9.37 -5.46
N ILE B 131 1.69 -10.20 -6.42
CA ILE B 131 0.39 -10.12 -7.09
C ILE B 131 -0.43 -11.36 -6.75
N ASN B 132 -1.70 -11.14 -6.41
CA ASN B 132 -2.65 -12.19 -6.07
C ASN B 132 -2.90 -13.08 -7.28
N GLY B 133 -2.51 -14.36 -7.16
CA GLY B 133 -2.63 -15.40 -8.17
C GLY B 133 -1.51 -15.56 -9.20
N SER B 134 -0.36 -14.84 -9.06
CA SER B 134 0.74 -14.85 -10.04
C SER B 134 1.60 -16.14 -10.12
N ASN B 135 1.68 -16.82 -8.99
CA ASN B 135 2.42 -18.06 -8.71
C ASN B 135 3.93 -17.86 -8.48
N TRP B 136 4.43 -16.61 -8.41
CA TRP B 136 5.86 -16.44 -8.14
C TRP B 136 6.10 -15.76 -6.79
N GLU B 137 7.26 -16.05 -6.19
CA GLU B 137 7.61 -15.63 -4.83
C GLU B 137 8.89 -14.77 -4.79
N GLY B 138 9.44 -14.43 -5.96
CA GLY B 138 10.65 -13.63 -5.99
C GLY B 138 10.97 -13.20 -7.40
N ILE B 139 12.06 -12.45 -7.58
CA ILE B 139 12.46 -11.89 -8.88
C ILE B 139 13.92 -12.16 -9.12
N LEU B 140 14.25 -12.50 -10.37
CA LEU B 140 15.61 -12.75 -10.79
C LEU B 140 16.03 -11.67 -11.78
N GLY B 141 16.78 -10.68 -11.29
CA GLY B 141 17.29 -9.60 -12.12
C GLY B 141 18.50 -10.09 -12.89
N LEU B 142 18.35 -10.13 -14.22
CA LEU B 142 19.36 -10.67 -15.12
C LEU B 142 20.22 -9.59 -15.81
N ALA B 143 19.99 -8.30 -15.50
CA ALA B 143 20.79 -7.23 -16.11
C ALA B 143 22.13 -7.07 -15.35
N TYR B 144 22.87 -5.99 -15.62
CA TYR B 144 24.22 -5.82 -15.07
C TYR B 144 24.32 -5.15 -13.72
N ALA B 145 25.49 -5.33 -13.07
CA ALA B 145 25.76 -4.79 -11.73
C ALA B 145 25.53 -3.29 -11.58
N GLU B 146 25.73 -2.53 -12.68
CA GLU B 146 25.55 -1.09 -12.63
C GLU B 146 24.22 -0.64 -12.01
N ILE B 147 23.11 -1.40 -12.27
CA ILE B 147 21.79 -1.03 -11.78
C ILE B 147 21.32 -1.88 -10.57
N ALA B 148 22.24 -2.69 -9.99
CA ALA B 148 21.92 -3.44 -8.76
C ALA B 148 21.77 -2.48 -7.58
N ARG B 149 20.92 -2.86 -6.61
CA ARG B 149 20.73 -2.09 -5.39
C ARG B 149 21.32 -2.86 -4.23
N PRO B 150 21.92 -2.20 -3.23
CA PRO B 150 22.08 -0.74 -3.02
C PRO B 150 23.00 -0.06 -4.02
N ASP B 151 23.98 -0.83 -4.54
CA ASP B 151 24.97 -0.33 -5.48
C ASP B 151 25.59 -1.46 -6.25
N ASP B 152 26.52 -1.14 -7.18
CA ASP B 152 27.15 -2.10 -8.08
C ASP B 152 28.12 -3.07 -7.40
N SER B 153 28.33 -2.96 -6.05
CA SER B 153 29.17 -3.95 -5.40
C SER B 153 28.39 -5.24 -5.14
N LEU B 154 27.02 -5.20 -5.24
CA LEU B 154 26.23 -6.40 -4.99
C LEU B 154 26.14 -7.22 -6.26
N GLU B 155 27.02 -8.23 -6.35
CA GLU B 155 27.14 -9.06 -7.54
C GLU B 155 25.78 -9.70 -7.94
N PRO B 156 25.32 -9.48 -9.19
CA PRO B 156 24.07 -10.10 -9.62
C PRO B 156 24.20 -11.62 -9.75
N PHE B 157 23.07 -12.32 -9.65
CA PHE B 157 23.07 -13.77 -9.77
C PHE B 157 23.83 -14.32 -10.99
N PHE B 158 23.55 -13.82 -12.22
CA PHE B 158 24.19 -14.39 -13.40
C PHE B 158 25.71 -14.21 -13.41
N ASP B 159 26.21 -13.10 -12.84
CA ASP B 159 27.63 -12.81 -12.68
C ASP B 159 28.26 -13.90 -11.76
N SER B 160 27.56 -14.22 -10.62
CA SER B 160 28.02 -15.25 -9.68
C SER B 160 28.05 -16.59 -10.37
N LEU B 161 27.00 -16.91 -11.12
CA LEU B 161 26.89 -18.17 -11.82
C LEU B 161 28.06 -18.37 -12.79
N VAL B 162 28.39 -17.33 -13.60
CA VAL B 162 29.47 -17.43 -14.57
C VAL B 162 30.84 -17.52 -13.90
N LYS B 163 31.03 -16.77 -12.81
CA LYS B 163 32.30 -16.73 -12.06
C LYS B 163 32.59 -18.05 -11.35
N GLN B 164 31.56 -18.67 -10.77
CA GLN B 164 31.74 -19.89 -9.97
C GLN B 164 31.69 -21.21 -10.75
N THR B 165 31.24 -21.20 -12.02
CA THR B 165 31.08 -22.42 -12.81
C THR B 165 31.68 -22.24 -14.21
N HIS B 166 31.53 -23.26 -15.08
CA HIS B 166 31.97 -23.14 -16.48
C HIS B 166 30.78 -22.80 -17.42
N VAL B 167 29.66 -22.31 -16.85
CA VAL B 167 28.49 -21.97 -17.66
C VAL B 167 28.87 -20.79 -18.58
N PRO B 168 28.72 -20.92 -19.93
CA PRO B 168 29.05 -19.79 -20.83
C PRO B 168 28.23 -18.53 -20.47
N ASN B 169 28.84 -17.35 -20.70
CA ASN B 169 28.24 -16.08 -20.33
C ASN B 169 27.18 -15.64 -21.37
N LEU B 170 26.06 -16.36 -21.36
CA LEU B 170 24.99 -16.15 -22.34
C LEU B 170 23.73 -16.85 -21.83
N PHE B 171 22.56 -16.27 -22.12
CA PHE B 171 21.31 -16.95 -21.84
C PHE B 171 20.36 -16.52 -22.95
N SER B 172 19.33 -17.31 -23.16
CA SER B 172 18.36 -17.01 -24.23
C SER B 172 16.97 -17.26 -23.73
N LEU B 173 16.02 -16.43 -24.18
CA LEU B 173 14.64 -16.51 -23.74
C LEU B 173 13.67 -16.66 -24.88
N GLN B 174 12.74 -17.61 -24.70
CA GLN B 174 11.65 -17.82 -25.62
C GLN B 174 10.40 -17.65 -24.74
N LEU B 175 9.76 -16.48 -24.79
CA LEU B 175 8.52 -16.23 -24.02
C LEU B 175 7.35 -16.56 -24.90
N CYS B 176 6.47 -17.46 -24.45
CA CYS B 176 5.38 -17.93 -25.28
C CYS B 176 4.03 -17.42 -24.86
N GLY B 177 3.48 -16.50 -25.67
CA GLY B 177 2.13 -15.98 -25.46
C GLY B 177 1.18 -17.02 -26.00
N ALA B 178 0.11 -17.34 -25.28
CA ALA B 178 -0.80 -18.40 -25.72
C ALA B 178 -1.71 -17.96 -26.89
N GLY B 179 -1.95 -16.66 -27.01
CA GLY B 179 -2.83 -16.10 -28.04
C GLY B 179 -4.29 -16.07 -27.63
N PHE B 180 -4.57 -16.52 -26.39
CA PHE B 180 -5.88 -16.56 -25.78
C PHE B 180 -5.69 -16.47 -24.28
N PRO B 181 -6.72 -16.06 -23.51
CA PRO B 181 -6.52 -15.94 -22.06
C PRO B 181 -6.40 -17.31 -21.40
N LEU B 182 -5.49 -17.42 -20.42
CA LEU B 182 -5.31 -18.67 -19.67
C LEU B 182 -5.93 -18.44 -18.31
N ASN B 183 -6.88 -19.31 -17.92
CA ASN B 183 -7.52 -19.15 -16.61
C ASN B 183 -6.58 -19.58 -15.49
N GLN B 184 -7.05 -19.46 -14.23
CA GLN B 184 -6.25 -19.78 -13.03
C GLN B 184 -5.61 -21.16 -13.07
N SER B 185 -6.33 -22.20 -13.51
CA SER B 185 -5.73 -23.54 -13.59
C SER B 185 -4.86 -23.75 -14.82
N GLU B 186 -5.29 -23.20 -15.98
CA GLU B 186 -4.56 -23.35 -17.23
C GLU B 186 -3.18 -22.70 -17.16
N VAL B 187 -3.08 -21.51 -16.57
CA VAL B 187 -1.79 -20.81 -16.49
C VAL B 187 -0.80 -21.62 -15.63
N LEU B 188 -1.32 -22.44 -14.67
CA LEU B 188 -0.42 -23.28 -13.85
C LEU B 188 0.05 -24.52 -14.58
N ALA B 189 -0.76 -25.03 -15.53
CA ALA B 189 -0.44 -26.28 -16.22
C ALA B 189 0.25 -26.07 -17.56
N SER B 190 0.19 -24.84 -18.12
CA SER B 190 0.73 -24.50 -19.43
C SER B 190 2.22 -24.22 -19.45
N VAL B 191 2.87 -24.50 -20.59
CA VAL B 191 4.29 -24.16 -20.79
C VAL B 191 4.35 -22.71 -21.28
N GLY B 192 5.01 -21.86 -20.49
CA GLY B 192 5.13 -20.45 -20.84
C GLY B 192 6.36 -20.11 -21.66
N GLY B 193 7.26 -21.06 -21.87
CA GLY B 193 8.45 -20.77 -22.64
C GLY B 193 9.69 -21.43 -22.08
N SER B 194 10.85 -20.95 -22.54
CA SER B 194 12.14 -21.50 -22.15
C SER B 194 13.13 -20.43 -21.82
N MET B 195 13.94 -20.69 -20.80
CA MET B 195 15.10 -19.89 -20.49
C MET B 195 16.26 -20.88 -20.61
N ILE B 196 17.08 -20.71 -21.64
CA ILE B 196 18.25 -21.54 -21.89
C ILE B 196 19.46 -20.84 -21.28
N ILE B 197 19.97 -21.39 -20.21
CA ILE B 197 21.08 -20.81 -19.49
C ILE B 197 22.35 -21.41 -20.04
N GLY B 198 23.21 -20.56 -20.60
CA GLY B 198 24.50 -20.93 -21.16
C GLY B 198 24.50 -21.38 -22.60
N GLY B 199 23.41 -21.13 -23.34
CA GLY B 199 23.35 -21.59 -24.72
C GLY B 199 22.14 -21.17 -25.51
N ILE B 200 22.09 -21.65 -26.76
CA ILE B 200 21.06 -21.37 -27.76
C ILE B 200 20.47 -22.71 -28.20
N ASP B 201 19.14 -22.88 -28.08
CA ASP B 201 18.52 -24.13 -28.50
C ASP B 201 17.86 -23.87 -29.87
N HIS B 202 18.31 -24.60 -30.92
CA HIS B 202 17.81 -24.40 -32.30
C HIS B 202 16.34 -24.77 -32.51
N SER B 203 15.74 -25.57 -31.62
CA SER B 203 14.33 -25.93 -31.79
C SER B 203 13.37 -24.76 -31.49
N LEU B 204 13.86 -23.71 -30.81
CA LEU B 204 13.02 -22.60 -30.36
C LEU B 204 12.81 -21.49 -31.37
N TYR B 205 13.48 -21.56 -32.52
CA TYR B 205 13.35 -20.52 -33.52
C TYR B 205 13.38 -21.06 -34.95
N THR B 206 12.96 -20.21 -35.91
CA THR B 206 13.03 -20.54 -37.33
C THR B 206 13.83 -19.44 -37.99
N GLY B 207 14.46 -19.76 -39.11
CA GLY B 207 15.23 -18.78 -39.85
C GLY B 207 16.54 -18.42 -39.18
N SER B 208 17.07 -17.26 -39.51
CA SER B 208 18.35 -16.80 -39.00
C SER B 208 18.23 -15.93 -37.76
N LEU B 209 19.29 -15.95 -36.94
CA LEU B 209 19.45 -15.04 -35.81
C LEU B 209 20.17 -13.79 -36.32
N TRP B 210 19.69 -12.61 -35.96
CA TRP B 210 20.31 -11.34 -36.32
C TRP B 210 20.66 -10.64 -35.02
N TYR B 211 21.87 -10.09 -34.94
CA TYR B 211 22.35 -9.47 -33.72
C TYR B 211 22.49 -7.96 -33.77
N THR B 212 22.10 -7.33 -32.66
CA THR B 212 22.22 -5.89 -32.45
C THR B 212 23.21 -5.68 -31.30
N PRO B 213 24.12 -4.70 -31.35
CA PRO B 213 25.05 -4.54 -30.22
C PRO B 213 24.36 -4.15 -28.91
N ILE B 214 24.91 -4.61 -27.76
CA ILE B 214 24.46 -4.08 -26.48
C ILE B 214 25.23 -2.75 -26.43
N ARG B 215 24.52 -1.60 -26.43
CA ARG B 215 25.16 -0.29 -26.49
C ARG B 215 26.05 -0.04 -25.28
N ARG B 216 25.53 -0.39 -24.10
CA ARG B 216 26.21 -0.23 -22.83
C ARG B 216 25.65 -1.28 -21.90
N GLU B 217 26.50 -1.80 -21.00
CA GLU B 217 26.12 -2.86 -20.07
C GLU B 217 25.59 -2.33 -18.74
N TRP B 218 24.28 -2.09 -18.70
CA TRP B 218 23.61 -1.63 -17.47
C TRP B 218 22.25 -2.30 -17.52
N TYR B 219 21.32 -1.72 -18.27
CA TYR B 219 20.14 -2.43 -18.75
C TYR B 219 20.67 -3.13 -20.01
N TYR B 220 19.84 -3.96 -20.67
CA TYR B 220 20.23 -4.50 -21.98
C TYR B 220 19.83 -3.42 -23.01
N GLU B 221 20.70 -2.41 -23.17
CA GLU B 221 20.43 -1.25 -24.02
C GLU B 221 20.76 -1.50 -25.48
N VAL B 222 19.82 -1.09 -26.38
CA VAL B 222 19.97 -1.26 -27.82
C VAL B 222 19.67 0.05 -28.50
N ILE B 223 19.89 0.11 -29.83
CA ILE B 223 19.58 1.32 -30.60
C ILE B 223 18.63 0.99 -31.76
N ILE B 224 17.46 1.65 -31.76
CA ILE B 224 16.43 1.54 -32.83
C ILE B 224 16.76 2.66 -33.82
N VAL B 225 16.81 2.33 -35.12
CA VAL B 225 17.23 3.29 -36.17
C VAL B 225 16.07 3.69 -37.13
N ARG B 226 14.95 2.94 -37.11
CA ARG B 226 13.82 3.24 -37.98
C ARG B 226 12.59 2.50 -37.42
N VAL B 227 11.41 3.10 -37.58
CA VAL B 227 10.16 2.48 -37.16
C VAL B 227 9.18 2.59 -38.31
N GLU B 228 8.54 1.46 -38.65
CA GLU B 228 7.49 1.44 -39.68
C GLU B 228 6.20 0.88 -39.13
N ILE B 229 5.07 1.39 -39.63
CA ILE B 229 3.74 0.88 -39.32
C ILE B 229 3.19 0.44 -40.71
N ASN B 230 3.05 -0.88 -40.95
CA ASN B 230 2.61 -1.39 -42.28
C ASN B 230 3.49 -0.84 -43.40
N GLY B 231 4.80 -0.83 -43.16
CA GLY B 231 5.76 -0.38 -44.16
C GLY B 231 5.90 1.12 -44.27
N GLN B 232 5.04 1.90 -43.59
CA GLN B 232 5.11 3.36 -43.65
C GLN B 232 6.04 3.86 -42.55
N ASP B 233 7.08 4.57 -42.95
CA ASP B 233 8.09 5.14 -42.06
C ASP B 233 7.43 6.14 -41.12
N LEU B 234 7.66 5.99 -39.81
CA LEU B 234 7.11 6.94 -38.83
C LEU B 234 7.76 8.34 -39.03
N LYS B 235 8.94 8.37 -39.68
CA LYS B 235 9.69 9.55 -40.17
C LYS B 235 10.07 10.56 -39.07
N MET B 236 10.38 10.05 -37.90
CA MET B 236 10.83 10.89 -36.80
C MET B 236 12.33 10.86 -36.79
N ASP B 237 12.97 11.85 -36.14
CA ASP B 237 14.42 11.85 -35.95
C ASP B 237 14.69 10.58 -35.09
N CYS B 238 15.60 9.70 -35.53
CA CYS B 238 15.85 8.41 -34.86
C CYS B 238 16.28 8.55 -33.41
N LYS B 239 16.80 9.75 -33.00
CA LYS B 239 17.10 10.00 -31.59
C LYS B 239 15.85 9.89 -30.74
N GLU B 240 14.67 10.27 -31.28
CA GLU B 240 13.41 10.22 -30.55
C GLU B 240 13.07 8.79 -30.14
N TYR B 241 13.46 7.81 -30.95
CA TYR B 241 13.12 6.41 -30.66
C TYR B 241 13.90 5.86 -29.49
N ASN B 242 15.06 6.48 -29.17
CA ASN B 242 15.94 6.01 -28.11
C ASN B 242 16.08 7.06 -27.01
N TYR B 243 15.07 7.91 -26.87
CA TYR B 243 15.08 8.97 -25.86
C TYR B 243 14.33 8.50 -24.59
N ASP B 244 15.02 8.26 -23.46
CA ASP B 244 16.45 8.46 -23.21
C ASP B 244 17.31 7.20 -23.35
N LYS B 245 16.65 6.04 -23.62
CA LYS B 245 17.32 4.78 -23.87
C LYS B 245 16.30 3.84 -24.52
N SER B 246 16.77 2.74 -25.09
CA SER B 246 15.90 1.67 -25.57
C SER B 246 16.41 0.39 -24.93
N ILE B 247 15.52 -0.38 -24.27
CA ILE B 247 16.02 -1.61 -23.60
C ILE B 247 15.15 -2.80 -23.92
N VAL B 248 15.70 -4.01 -23.69
CA VAL B 248 14.99 -5.29 -23.86
C VAL B 248 14.65 -5.78 -22.46
N ASP B 249 13.34 -5.87 -22.14
CA ASP B 249 12.91 -6.10 -20.74
C ASP B 249 11.82 -7.14 -20.61
N SER B 250 12.20 -8.37 -20.17
CA SER B 250 11.23 -9.45 -19.94
C SER B 250 10.26 -9.14 -18.77
N GLY B 251 10.58 -8.13 -17.94
CA GLY B 251 9.77 -7.71 -16.80
C GLY B 251 8.81 -6.58 -17.08
N THR B 252 8.58 -6.24 -18.39
CA THR B 252 7.59 -5.23 -18.78
C THR B 252 6.62 -5.97 -19.71
N THR B 253 5.31 -5.80 -19.49
CA THR B 253 4.30 -6.48 -20.31
C THR B 253 4.26 -5.88 -21.73
N ASN B 254 4.19 -4.56 -21.80
CA ASN B 254 3.93 -3.87 -23.07
C ASN B 254 5.14 -3.53 -23.90
N LEU B 255 4.88 -3.05 -25.13
CA LEU B 255 5.87 -2.36 -25.92
C LEU B 255 5.65 -0.90 -25.43
N ARG B 256 6.64 -0.27 -24.80
CA ARG B 256 6.46 1.11 -24.32
C ARG B 256 7.32 2.02 -25.17
N LEU B 257 6.73 3.15 -25.59
CA LEU B 257 7.43 4.08 -26.47
C LEU B 257 7.50 5.46 -25.84
N PRO B 258 8.60 6.21 -26.11
CA PRO B 258 8.72 7.59 -25.62
C PRO B 258 7.47 8.39 -26.04
N LYS B 259 7.00 9.29 -25.17
CA LYS B 259 5.78 10.07 -25.38
C LYS B 259 5.54 10.51 -26.85
N LYS B 260 6.53 11.19 -27.45
CA LYS B 260 6.40 11.71 -28.83
C LYS B 260 6.23 10.58 -29.85
N VAL B 261 6.97 9.47 -29.64
CA VAL B 261 6.92 8.30 -30.54
C VAL B 261 5.58 7.61 -30.38
N PHE B 262 5.14 7.43 -29.14
CA PHE B 262 3.85 6.81 -28.85
C PHE B 262 2.72 7.57 -29.56
N GLU B 263 2.69 8.90 -29.39
CA GLU B 263 1.67 9.75 -30.02
C GLU B 263 1.66 9.54 -31.56
N ALA B 264 2.83 9.54 -32.21
CA ALA B 264 2.90 9.33 -33.67
C ALA B 264 2.48 7.91 -34.05
N ALA B 265 2.94 6.92 -33.26
CA ALA B 265 2.60 5.52 -33.56
C ALA B 265 1.10 5.26 -33.45
N VAL B 266 0.46 5.76 -32.38
CA VAL B 266 -0.98 5.56 -32.20
C VAL B 266 -1.76 6.23 -33.32
N LYS B 267 -1.36 7.43 -33.74
CA LYS B 267 -2.04 8.11 -34.84
C LYS B 267 -1.93 7.20 -36.10
N SER B 268 -0.74 6.64 -36.36
CA SER B 268 -0.55 5.78 -37.53
C SER B 268 -1.33 4.47 -37.44
N ILE B 269 -1.33 3.84 -36.24
CA ILE B 269 -2.10 2.61 -36.05
C ILE B 269 -3.60 2.86 -36.18
N LYS B 270 -4.10 3.98 -35.63
CA LYS B 270 -5.51 4.35 -35.80
C LYS B 270 -5.84 4.54 -37.31
N ALA B 271 -4.95 5.18 -38.07
CA ALA B 271 -5.18 5.44 -39.50
C ALA B 271 -5.24 4.12 -40.27
N ALA B 272 -4.31 3.20 -39.96
CA ALA B 272 -4.29 1.89 -40.62
C ALA B 272 -5.52 1.04 -40.30
N SER B 273 -6.08 1.17 -39.05
CA SER B 273 -7.22 0.39 -38.60
C SER B 273 -8.56 1.15 -38.65
N SER B 274 -8.59 2.25 -39.42
CA SER B 274 -9.71 3.20 -39.42
C SER B 274 -11.05 2.62 -39.90
N THR B 275 -11.06 1.41 -40.48
CA THR B 275 -12.37 0.79 -40.86
C THR B 275 -13.24 0.44 -39.63
N GLU B 276 -12.65 0.36 -38.44
CA GLU B 276 -13.37 0.15 -37.17
C GLU B 276 -12.88 1.22 -36.20
N LYS B 277 -13.82 1.84 -35.52
CA LYS B 277 -13.49 2.86 -34.53
C LYS B 277 -13.59 2.30 -33.13
N PHE B 278 -12.58 2.61 -32.32
CA PHE B 278 -12.46 2.12 -30.95
C PHE B 278 -12.44 3.32 -30.01
N PRO B 279 -13.03 3.20 -28.81
CA PRO B 279 -13.03 4.33 -27.87
C PRO B 279 -11.62 4.68 -27.40
N ASP B 280 -11.43 5.91 -26.93
CA ASP B 280 -10.13 6.38 -26.44
C ASP B 280 -9.53 5.48 -25.35
N GLY B 281 -10.38 4.93 -24.47
CA GLY B 281 -9.94 4.04 -23.40
C GLY B 281 -9.20 2.82 -23.93
N PHE B 282 -9.58 2.35 -25.13
CA PHE B 282 -8.89 1.22 -25.75
C PHE B 282 -7.44 1.62 -26.06
N TRP B 283 -7.26 2.77 -26.73
CA TRP B 283 -5.93 3.24 -27.11
C TRP B 283 -5.06 3.61 -25.93
N LEU B 284 -5.70 3.86 -24.76
CA LEU B 284 -4.99 4.18 -23.53
C LEU B 284 -4.62 2.91 -22.74
N GLY B 285 -4.97 1.74 -23.25
CA GLY B 285 -4.65 0.45 -22.63
C GLY B 285 -5.49 0.09 -21.43
N GLU B 286 -6.53 0.86 -21.18
CA GLU B 286 -7.41 0.68 -20.03
C GLU B 286 -8.59 -0.23 -20.30
N GLN B 287 -9.24 -0.07 -21.47
CA GLN B 287 -10.46 -0.74 -21.83
C GLN B 287 -10.21 -1.91 -22.77
N LEU B 288 -10.94 -2.99 -22.59
CA LEU B 288 -10.79 -4.07 -23.54
C LEU B 288 -11.71 -3.86 -24.71
N VAL B 289 -11.41 -4.53 -25.84
CA VAL B 289 -12.24 -4.59 -27.05
CA VAL B 289 -12.27 -4.60 -27.02
C VAL B 289 -12.56 -6.07 -27.24
N CYS B 290 -13.80 -6.42 -27.57
CA CYS B 290 -14.24 -7.80 -27.75
C CYS B 290 -14.83 -8.02 -29.11
N TRP B 291 -14.62 -9.22 -29.67
CA TRP B 291 -15.25 -9.63 -30.90
C TRP B 291 -15.87 -11.00 -30.67
N GLN B 292 -16.91 -11.33 -31.44
CA GLN B 292 -17.54 -12.66 -31.39
C GLN B 292 -16.41 -13.70 -31.60
N ALA B 293 -16.49 -14.84 -30.89
CA ALA B 293 -15.48 -15.90 -30.98
C ALA B 293 -14.98 -16.19 -32.39
N GLY B 294 -13.66 -16.10 -32.57
CA GLY B 294 -13.01 -16.41 -33.83
C GLY B 294 -13.02 -15.30 -34.88
N THR B 295 -13.69 -14.17 -34.60
CA THR B 295 -13.86 -13.10 -35.62
C THR B 295 -12.94 -11.89 -35.45
N THR B 296 -11.92 -11.97 -34.59
CA THR B 296 -10.98 -10.83 -34.41
C THR B 296 -10.48 -10.41 -35.80
N PRO B 297 -10.65 -9.13 -36.18
CA PRO B 297 -10.23 -8.70 -37.52
C PRO B 297 -8.75 -8.34 -37.56
N TRP B 298 -7.89 -9.35 -37.36
CA TRP B 298 -6.43 -9.12 -37.38
C TRP B 298 -5.98 -8.28 -38.57
N ASN B 299 -6.53 -8.59 -39.76
CA ASN B 299 -6.12 -7.95 -41.02
C ASN B 299 -6.28 -6.43 -41.06
N ILE B 300 -7.20 -5.86 -40.22
CA ILE B 300 -7.35 -4.38 -40.25
C ILE B 300 -6.24 -3.68 -39.49
N PHE B 301 -5.56 -4.43 -38.59
CA PHE B 301 -4.48 -3.88 -37.80
C PHE B 301 -3.13 -4.03 -38.51
N PRO B 302 -2.26 -3.02 -38.40
CA PRO B 302 -0.99 -3.07 -39.11
C PRO B 302 0.10 -3.87 -38.41
N VAL B 303 1.10 -4.28 -39.16
CA VAL B 303 2.30 -4.88 -38.59
C VAL B 303 3.18 -3.70 -38.15
N ILE B 304 4.09 -3.95 -37.19
CA ILE B 304 5.00 -2.89 -36.70
C ILE B 304 6.39 -3.43 -36.84
N SER B 305 7.29 -2.64 -37.47
CA SER B 305 8.68 -3.04 -37.64
C SER B 305 9.58 -2.08 -36.90
N LEU B 306 10.55 -2.66 -36.16
CA LEU B 306 11.57 -1.87 -35.50
C LEU B 306 12.88 -2.28 -36.16
N TYR B 307 13.63 -1.28 -36.67
CA TYR B 307 14.93 -1.56 -37.29
C TYR B 307 15.95 -1.32 -36.20
N LEU B 308 16.86 -2.27 -36.04
CA LEU B 308 17.91 -2.20 -35.02
C LEU B 308 19.27 -2.12 -35.67
N MET B 309 20.19 -1.42 -35.02
CA MET B 309 21.59 -1.34 -35.49
C MET B 309 22.19 -2.76 -35.62
N GLY B 310 22.89 -3.02 -36.70
CA GLY B 310 23.50 -4.31 -36.96
C GLY B 310 24.91 -4.35 -36.40
N GLU B 311 25.56 -5.52 -36.52
CA GLU B 311 26.92 -5.69 -36.01
C GLU B 311 27.94 -5.12 -37.00
N VAL B 312 27.56 -5.08 -38.28
CA VAL B 312 28.38 -4.58 -39.39
C VAL B 312 28.13 -3.08 -39.54
N THR B 313 29.20 -2.30 -39.81
CA THR B 313 29.10 -0.84 -40.00
C THR B 313 28.08 -0.58 -41.11
N ASN B 314 27.22 0.43 -40.91
CA ASN B 314 26.17 0.92 -41.82
C ASN B 314 25.11 -0.13 -42.19
N GLN B 315 24.96 -1.16 -41.37
CA GLN B 315 23.99 -2.21 -41.63
C GLN B 315 22.95 -2.26 -40.51
N SER B 316 21.69 -2.46 -40.85
CA SER B 316 20.65 -2.65 -39.83
C SER B 316 19.83 -3.89 -40.21
N PHE B 317 18.92 -4.31 -39.31
CA PHE B 317 18.01 -5.38 -39.66
C PHE B 317 16.69 -4.97 -39.05
N ARG B 318 15.60 -5.65 -39.40
CA ARG B 318 14.32 -5.28 -38.79
C ARG B 318 13.66 -6.47 -38.13
N ILE B 319 12.90 -6.20 -37.08
CA ILE B 319 12.05 -7.21 -36.44
C ILE B 319 10.61 -6.71 -36.67
N THR B 320 9.72 -7.60 -37.08
CA THR B 320 8.32 -7.23 -37.36
C THR B 320 7.38 -8.04 -36.51
N ILE B 321 6.48 -7.34 -35.84
CA ILE B 321 5.47 -8.00 -34.99
C ILE B 321 4.10 -7.73 -35.58
N LEU B 322 3.14 -8.56 -35.18
CA LEU B 322 1.78 -8.52 -35.65
C LEU B 322 0.85 -8.00 -34.58
N PRO B 323 -0.41 -7.66 -34.94
CA PRO B 323 -1.39 -7.37 -33.87
C PRO B 323 -1.55 -8.55 -32.91
N GLN B 324 -1.28 -9.83 -33.34
CA GLN B 324 -1.34 -10.98 -32.41
C GLN B 324 -0.34 -10.82 -31.26
N GLN B 325 0.71 -9.98 -31.43
CA GLN B 325 1.64 -9.68 -30.34
C GLN B 325 1.21 -8.46 -29.57
N TYR B 326 0.76 -7.34 -30.24
CA TYR B 326 0.48 -6.11 -29.50
C TYR B 326 -0.97 -5.96 -29.00
N LEU B 327 -1.85 -6.93 -29.30
CA LEU B 327 -3.21 -6.99 -28.73
C LEU B 327 -3.13 -8.14 -27.72
N ARG B 328 -3.13 -7.81 -26.42
CA ARG B 328 -2.96 -8.81 -25.36
C ARG B 328 -4.28 -9.47 -25.02
N PRO B 329 -4.40 -10.81 -25.16
CA PRO B 329 -5.69 -11.47 -24.83
C PRO B 329 -6.02 -11.36 -23.35
N VAL B 330 -7.26 -10.99 -23.08
CA VAL B 330 -7.77 -10.86 -21.70
C VAL B 330 -9.16 -11.51 -21.60
N GLU B 331 -9.51 -11.97 -20.42
CA GLU B 331 -10.85 -12.53 -20.23
C GLU B 331 -11.83 -11.40 -19.98
N ASP B 332 -13.02 -11.51 -20.61
CA ASP B 332 -14.14 -10.57 -20.58
C ASP B 332 -14.67 -10.38 -19.15
N SER B 336 -17.35 -15.02 -20.97
CA SER B 336 -18.06 -15.15 -22.25
C SER B 336 -17.21 -15.89 -23.28
N GLN B 337 -17.80 -16.21 -24.45
CA GLN B 337 -17.07 -16.86 -25.53
C GLN B 337 -16.45 -15.85 -26.49
N ASP B 338 -16.61 -14.54 -26.23
CA ASP B 338 -15.98 -13.51 -27.07
C ASP B 338 -14.46 -13.56 -26.93
N ASP B 339 -13.75 -13.12 -27.97
CA ASP B 339 -12.29 -13.01 -27.92
C ASP B 339 -12.02 -11.53 -27.63
N CYS B 340 -11.42 -11.25 -26.47
CA CYS B 340 -11.17 -9.88 -25.97
C CYS B 340 -9.73 -9.58 -25.82
N TYR B 341 -9.36 -8.30 -25.97
CA TYR B 341 -7.96 -7.88 -25.94
C TYR B 341 -7.78 -6.51 -25.36
N LYS B 342 -6.58 -6.25 -24.86
CA LYS B 342 -6.23 -4.90 -24.44
C LYS B 342 -5.09 -4.47 -25.37
N PHE B 343 -5.03 -3.18 -25.71
CA PHE B 343 -3.97 -2.63 -26.55
C PHE B 343 -2.72 -2.57 -25.69
N ALA B 344 -1.64 -3.27 -26.10
CA ALA B 344 -0.44 -3.39 -25.28
C ALA B 344 0.77 -2.58 -25.76
N ILE B 345 0.49 -1.39 -26.27
CA ILE B 345 1.48 -0.39 -26.63
C ILE B 345 1.12 0.80 -25.76
N SER B 346 2.10 1.28 -24.99
CA SER B 346 1.84 2.39 -24.08
C SER B 346 2.98 3.39 -24.03
N GLN B 347 2.70 4.56 -23.43
CA GLN B 347 3.63 5.67 -23.35
C GLN B 347 4.67 5.44 -22.26
N SER B 348 5.84 6.00 -22.47
CA SER B 348 6.94 5.98 -21.52
C SER B 348 7.59 7.36 -21.38
N SER B 349 8.11 7.67 -20.18
CA SER B 349 8.89 8.89 -19.97
C SER B 349 10.33 8.45 -19.66
N THR B 350 10.62 7.13 -19.79
CA THR B 350 11.96 6.59 -19.53
C THR B 350 12.53 5.80 -20.71
N GLY B 351 12.09 6.14 -21.93
CA GLY B 351 12.62 5.48 -23.13
C GLY B 351 11.80 4.33 -23.64
N THR B 352 12.26 3.72 -24.73
CA THR B 352 11.55 2.59 -25.30
C THR B 352 11.81 1.36 -24.46
N VAL B 353 10.76 0.56 -24.25
CA VAL B 353 10.89 -0.71 -23.55
C VAL B 353 10.34 -1.80 -24.45
N MET B 354 11.22 -2.69 -24.91
CA MET B 354 10.77 -3.84 -25.70
C MET B 354 10.42 -4.93 -24.70
N GLY B 355 9.17 -4.93 -24.27
CA GLY B 355 8.66 -5.86 -23.26
C GLY B 355 8.18 -7.17 -23.88
N ALA B 356 7.30 -7.86 -23.15
CA ALA B 356 6.73 -9.15 -23.61
C ALA B 356 6.04 -9.07 -24.97
N VAL B 357 5.47 -7.91 -25.36
CA VAL B 357 4.88 -7.71 -26.72
C VAL B 357 5.88 -8.00 -27.83
N ILE B 358 7.09 -7.49 -27.66
CA ILE B 358 8.15 -7.77 -28.60
C ILE B 358 8.63 -9.19 -28.35
N MET B 359 8.99 -9.51 -27.08
CA MET B 359 9.69 -10.76 -26.83
C MET B 359 8.89 -11.99 -27.19
N GLU B 360 7.55 -11.95 -27.13
CA GLU B 360 6.72 -13.11 -27.48
C GLU B 360 6.78 -13.43 -28.99
N GLY B 361 7.26 -12.50 -29.79
CA GLY B 361 7.37 -12.78 -31.22
C GLY B 361 8.68 -13.45 -31.58
N PHE B 362 9.66 -13.37 -30.69
CA PHE B 362 11.02 -13.79 -31.03
C PHE B 362 11.72 -14.61 -30.00
N TYR B 363 12.71 -15.37 -30.46
CA TYR B 363 13.66 -16.04 -29.58
C TYR B 363 14.75 -14.99 -29.40
N VAL B 364 15.04 -14.63 -28.13
CA VAL B 364 15.97 -13.55 -27.85
C VAL B 364 17.21 -14.09 -27.14
N VAL B 365 18.37 -13.82 -27.73
CA VAL B 365 19.65 -14.30 -27.22
C VAL B 365 20.41 -13.15 -26.55
N PHE B 366 20.63 -13.27 -25.24
CA PHE B 366 21.34 -12.28 -24.46
C PHE B 366 22.80 -12.73 -24.42
N ASP B 367 23.52 -12.40 -25.48
CA ASP B 367 24.91 -12.81 -25.64
C ASP B 367 25.83 -11.85 -24.92
N ARG B 368 25.92 -12.02 -23.60
CA ARG B 368 26.73 -11.14 -22.76
C ARG B 368 28.23 -11.22 -23.15
N ALA B 369 28.71 -12.42 -23.47
CA ALA B 369 30.12 -12.64 -23.83
C ALA B 369 30.55 -11.84 -25.06
N ARG B 370 29.65 -11.68 -26.05
CA ARG B 370 29.94 -10.92 -27.26
C ARG B 370 29.23 -9.55 -27.28
N LYS B 371 28.68 -9.09 -26.12
CA LYS B 371 28.04 -7.78 -25.96
C LYS B 371 27.02 -7.52 -27.11
N ARG B 372 26.10 -8.47 -27.29
CA ARG B 372 25.10 -8.36 -28.36
C ARG B 372 23.82 -9.09 -28.01
N ILE B 373 22.71 -8.67 -28.65
CA ILE B 373 21.42 -9.33 -28.46
C ILE B 373 20.95 -9.87 -29.81
N GLY B 374 20.63 -11.17 -29.84
CA GLY B 374 20.14 -11.84 -31.05
C GLY B 374 18.64 -11.96 -31.07
N PHE B 375 18.06 -11.86 -32.28
CA PHE B 375 16.62 -12.04 -32.49
C PHE B 375 16.41 -13.01 -33.64
N ALA B 376 15.48 -13.94 -33.46
CA ALA B 376 15.01 -14.84 -34.49
C ALA B 376 13.52 -15.04 -34.32
N VAL B 377 12.81 -15.37 -35.39
CA VAL B 377 11.38 -15.64 -35.28
C VAL B 377 11.13 -16.77 -34.30
N SER B 378 10.23 -16.57 -33.33
CA SER B 378 9.99 -17.62 -32.34
C SER B 378 9.15 -18.74 -32.94
N ALA B 379 9.52 -19.99 -32.62
CA ALA B 379 8.77 -21.17 -33.01
C ALA B 379 7.38 -21.18 -32.33
N CYS B 380 7.19 -20.37 -31.27
CA CYS B 380 5.90 -20.31 -30.55
C CYS B 380 5.13 -18.98 -30.75
N HIS B 381 5.52 -18.12 -31.75
CA HIS B 381 4.76 -16.88 -31.87
C HIS B 381 3.38 -17.11 -32.46
N VAL B 382 2.41 -16.32 -32.02
CA VAL B 382 1.03 -16.42 -32.48
C VAL B 382 0.92 -15.63 -33.81
N HIS B 383 0.27 -16.25 -34.80
CA HIS B 383 0.09 -15.60 -36.10
C HIS B 383 -1.18 -16.13 -36.76
N ASP B 384 -1.41 -15.76 -38.01
CA ASP B 384 -2.55 -16.26 -38.76
C ASP B 384 -2.03 -16.84 -40.08
N GLU B 385 -2.92 -17.29 -40.98
CA GLU B 385 -2.46 -17.92 -42.21
C GLU B 385 -1.90 -16.90 -43.22
N PHE B 386 -2.12 -15.60 -42.98
CA PHE B 386 -1.71 -14.58 -43.96
C PHE B 386 -0.43 -13.82 -43.64
N ARG B 387 -0.07 -13.71 -42.34
CA ARG B 387 1.11 -12.93 -41.92
C ARG B 387 1.81 -13.66 -40.80
N THR B 388 3.10 -13.43 -40.70
CA THR B 388 3.94 -13.98 -39.64
C THR B 388 4.87 -12.87 -39.13
N ALA B 389 5.37 -13.06 -37.89
CA ALA B 389 6.43 -12.19 -37.37
C ALA B 389 7.67 -12.46 -38.25
N ALA B 390 8.60 -11.52 -38.28
CA ALA B 390 9.76 -11.64 -39.15
C ALA B 390 10.99 -11.00 -38.56
N VAL B 391 12.16 -11.50 -38.97
CA VAL B 391 13.47 -10.91 -38.63
C VAL B 391 14.20 -10.93 -39.96
N GLU B 392 14.50 -9.76 -40.50
CA GLU B 392 15.03 -9.65 -41.86
C GLU B 392 16.13 -8.65 -41.97
N GLY B 393 17.03 -8.90 -42.91
CA GLY B 393 18.11 -7.97 -43.17
C GLY B 393 19.00 -8.46 -44.31
N PRO B 394 20.06 -7.71 -44.62
CA PRO B 394 20.41 -6.41 -44.06
C PRO B 394 19.82 -5.23 -44.82
N PHE B 395 19.87 -4.07 -44.21
CA PHE B 395 19.48 -2.80 -44.84
C PHE B 395 20.63 -1.84 -44.66
N VAL B 396 20.86 -0.98 -45.65
CA VAL B 396 21.88 0.03 -45.49
C VAL B 396 21.29 1.20 -44.68
N THR B 397 21.92 1.54 -43.53
CA THR B 397 21.48 2.65 -42.70
C THR B 397 22.70 3.45 -42.30
N LEU B 398 22.70 4.75 -42.57
CA LEU B 398 23.83 5.62 -42.24
C LEU B 398 23.63 6.33 -40.91
N ASP B 399 24.75 6.83 -40.32
CA ASP B 399 24.85 7.59 -39.07
C ASP B 399 23.97 7.02 -37.92
N MET B 400 24.07 5.70 -37.71
CA MET B 400 23.28 5.01 -36.69
C MET B 400 23.68 5.35 -35.26
N GLU B 401 24.98 5.73 -35.04
CA GLU B 401 25.46 6.14 -33.71
C GLU B 401 24.75 7.44 -33.31
N ASP B 402 24.30 8.25 -34.31
CA ASP B 402 23.53 9.48 -34.09
C ASP B 402 22.15 9.19 -33.50
N CYS B 403 21.65 7.95 -33.62
CA CYS B 403 20.34 7.59 -33.07
C CYS B 403 20.39 7.39 -31.56
N GLY B 404 21.58 7.15 -31.02
CA GLY B 404 21.76 6.97 -29.58
C GLY B 404 21.66 8.30 -28.85
N TYR B 405 20.98 8.29 -27.69
CA TYR B 405 20.84 9.49 -26.88
C TYR B 405 21.97 9.59 -25.85
N ASN B 406 22.43 10.85 -25.59
CA ASN B 406 23.49 11.15 -24.60
C ASN B 406 22.98 12.18 -23.60
O1 TLA C . -16.14 6.24 44.80
O11 TLA C . -16.99 8.31 44.88
C1 TLA C . -16.26 7.36 44.34
C2 TLA C . -15.58 7.77 43.03
O2 TLA C . -14.81 6.69 42.53
C3 TLA C . -14.68 8.99 43.24
O3 TLA C . -13.66 8.71 44.16
C4 TLA C . -14.10 9.45 41.91
O4 TLA C . -12.89 9.58 41.75
O41 TLA C . -15.00 9.72 40.98
C20 60Y D . -10.11 0.96 27.36
C13 60Y D . -19.01 -2.82 19.79
C11 60Y D . -16.72 -2.03 20.79
C17 60Y D . -9.11 3.12 25.94
C10 60Y D . -15.40 -0.87 22.56
C12 60Y D . -18.98 -2.21 21.02
C18 60Y D . -8.53 2.76 27.16
C15 60Y D . -10.69 1.31 26.14
C14 60Y D . -17.87 -3.02 19.09
C16 60Y D . -10.19 2.40 25.44
C19 60Y D . -9.04 1.69 27.87
N6 60Y D . -8.23 5.13 24.59
C21 60Y D . -8.60 4.24 25.19
C1 60Y D . -11.77 0.48 25.52
C 60Y D . -12.36 -0.60 26.12
C2 60Y D . -12.29 0.71 24.18
C3 60Y D . -13.22 -0.22 23.84
S 60Y D . -13.51 -1.35 25.11
C4 60Y D . -13.95 -0.36 22.53
N3 60Y D . -15.54 -1.57 21.28
N5 60Y D . -16.68 -2.62 19.57
F 60Y D . -20.20 -3.13 19.21
N4 60Y D . -17.82 -1.81 21.55
C9 60Y D . -14.27 -1.80 20.61
C8 60Y D . -13.23 -1.46 21.67
C7 60Y D . -11.96 -0.95 20.99
O 60Y D . -11.01 -1.68 20.85
N2 60Y D . -11.94 0.38 20.63
C6 60Y D . -10.79 0.84 19.82
C5 60Y D . -12.94 1.27 20.98
N1 60Y D . -12.92 2.44 20.48
N 60Y D . -13.96 0.90 21.77
O1 TLA E . 3.33 -25.05 -3.66
O11 TLA E . 4.46 -26.70 -4.61
C1 TLA E . 3.88 -25.53 -4.63
C2 TLA E . 4.04 -24.76 -5.92
O2 TLA E . 3.38 -23.51 -5.85
C3 TLA E . 3.53 -25.54 -7.13
O3 TLA E . 2.18 -25.90 -6.92
C4 TLA E . 3.67 -24.70 -8.40
O4 TLA E . 2.70 -24.38 -9.06
O41 TLA E . 4.90 -24.35 -8.67
C20 60Y F . 5.45 -7.95 -12.09
C13 60Y F . 15.76 -1.95 -9.19
C11 60Y F . 13.48 -2.69 -10.22
C17 60Y F . 5.75 -8.18 -14.84
C10 60Y F . 11.79 -4.47 -10.74
C12 60Y F . 15.04 -1.06 -9.93
C18 60Y F . 4.61 -8.67 -14.22
C15 60Y F . 6.60 -7.44 -12.69
C14 60Y F . 15.30 -3.21 -8.96
C16 60Y F . 6.75 -7.56 -14.08
C19 60Y F . 4.46 -8.56 -12.85
N6 60Y F . 6.10 -8.40 -17.39
C21 60Y F . 5.93 -8.31 -16.26
C1 60Y F . 7.62 -6.70 -11.91
C 60Y F . 7.62 -6.59 -10.55
C2 60Y F . 8.72 -5.95 -12.49
C3 60Y F . 9.49 -5.34 -11.56
S 60Y F . 8.93 -5.64 -9.96
C4 60Y F . 10.69 -4.46 -11.81
N3 60Y F . 12.32 -3.10 -10.81
N5 60Y F . 14.12 -3.61 -9.47
F 60Y F . 16.95 -1.57 -8.68
N4 60Y F . 13.87 -1.42 -10.49
C9 60Y F . 11.50 -2.20 -11.63
C8 60Y F . 10.22 -2.99 -11.85
C7 60Y F . 9.59 -2.59 -13.18
O 60Y F . 8.71 -1.75 -13.22
N2 60Y F . 10.04 -3.22 -14.33
C6 60Y F . 9.55 -2.74 -15.62
C5 60Y F . 10.95 -4.27 -14.28
N1 60Y F . 11.48 -4.69 -15.39
N 60Y F . 11.34 -4.77 -13.09
#